data_3R55
#
_entry.id   3R55
#
_cell.length_a   53.991
_cell.length_b   79.620
_cell.length_c   77.520
_cell.angle_alpha   90.00
_cell.angle_beta   102.24
_cell.angle_gamma   90.00
#
_symmetry.space_group_name_H-M   'P 1 21 1'
#
loop_
_entity.id
_entity.type
_entity.pdbx_description
1 polymer Lactoperoxidase
2 branched 2-acetamido-2-deoxy-beta-D-glucopyranose-(1-4)-2-acetamido-2-deoxy-beta-D-glucopyranose
3 non-polymer 2-acetamido-2-deoxy-beta-D-glucopyranose
4 non-polymer 'PROTOPORPHYRIN IX CONTAINING FE'
5 non-polymer 'CALCIUM ION'
6 non-polymer 'ZINC ION'
7 non-polymer 'IODIDE ION'
8 non-polymer 'THIOCYANATE ION'
9 non-polymer PYRAZINE-2-CARBOXAMIDE
10 non-polymer 1,2-ETHANEDIOL
11 non-polymer GLYCEROL
12 non-polymer (4R)-2-METHYLPENTANE-2,4-DIOL
13 non-polymer DI(HYDROXYETHYL)ETHER
14 water water
#
_entity_poly.entity_id   1
_entity_poly.type   'polypeptide(L)'
_entity_poly.pdbx_seq_one_letter_code
;SWEVGCGAPVPLVTCDEQSPYRTITGDCNNRRSPALGAANRALARWLPAEYEDGLAVPFGWTQRKTRNGFRVPLAREVSN
KIVGYLDEEGVLDQNRSLLFMQWGQIVDHDLDFAPETELGSSEHSKVQCEEYCVQGDECFPIMFPKNDPKLKTQGKCMPF
FRAGFVCPTPPYQSLARDQINAVTSFLDASLVYGSEP(SEP)LASRLRNLSSPLGLMAVNQEAWDHGLAYPPFNNVKPSP
CEFINTTAHVPCFQAGDSRASEQILLATVHTLLLREHNRLARELKRLNPHWDGEMLYQEARKILGAFIQIITFRDYLPIV
LGSEMQKWIPPYQGYNNSVDPRISNVFTFAFRFGHMEVPSTVSRLDENYQPWGPEAELPLHTLFFNTWRIIKDGGIDPLV
RGLLAKNSKLMNQNKMVTSELRNKLFQPTHKVHGFDLAAINLQRCRDHGMPGYNSWRGFCGLSQPKTLKGLQAVLKNKVL
AKKLLDLYKTPDNIDIWIGGNAEPMVERGRVGPLLACLLGRQFQQIRDGDRFWWENPGVFTEKQRDSLQKVSFSRLICDN
THITKVPLHAFQANNYPHDFVDCSAVDKLDLSPWASREN
;
_entity_poly.pdbx_strand_id   A
#
loop_
_chem_comp.id
_chem_comp.type
_chem_comp.name
_chem_comp.formula
CA non-polymer 'CALCIUM ION' 'Ca 2'
EDO non-polymer 1,2-ETHANEDIOL 'C2 H6 O2'
GOL non-polymer GLYCEROL 'C3 H8 O3'
HEM non-polymer 'PROTOPORPHYRIN IX CONTAINING FE' 'C34 H32 Fe N4 O4'
IOD non-polymer 'IODIDE ION' 'I -1'
MRD non-polymer (4R)-2-METHYLPENTANE-2,4-DIOL 'C6 H14 O2'
NAG D-saccharide, beta linking 2-acetamido-2-deoxy-beta-D-glucopyranose 'C8 H15 N O6'
PEG non-polymer DI(HYDROXYETHYL)ETHER 'C4 H10 O3'
PZA non-polymer PYRAZINE-2-CARBOXAMIDE 'C5 H5 N3 O'
SCN non-polymer 'THIOCYANATE ION' 'C N S -1'
ZN non-polymer 'ZINC ION' 'Zn 2'
#
# COMPACT_ATOMS: atom_id res chain seq x y z
CA SER A 1 -27.73 14.09 1.84
C SER A 1 -26.98 15.39 2.13
N TRP A 2 -26.09 15.77 1.21
CA TRP A 2 -25.33 16.98 1.31
C TRP A 2 -24.91 17.08 -0.15
N GLU A 3 -24.22 18.13 -0.56
CA GLU A 3 -24.04 18.34 -1.99
C GLU A 3 -23.50 17.06 -2.66
N VAL A 4 -24.15 16.64 -3.74
CA VAL A 4 -23.86 15.38 -4.41
C VAL A 4 -22.55 15.44 -5.15
N GLY A 5 -22.05 16.65 -5.23
CA GLY A 5 -20.79 16.97 -5.85
C GLY A 5 -20.15 18.23 -5.27
N CYS A 6 -19.42 18.06 -4.17
CA CYS A 6 -18.76 19.19 -3.52
C CYS A 6 -17.51 19.63 -4.26
N GLY A 7 -17.23 20.93 -4.20
CA GLY A 7 -16.19 21.57 -5.01
C GLY A 7 -14.75 21.33 -4.61
N ALA A 8 -13.84 22.10 -5.18
CA ALA A 8 -12.41 21.98 -4.85
C ALA A 8 -11.73 20.89 -5.63
N PRO A 9 -12.41 20.40 -6.64
CA PRO A 9 -11.88 19.36 -7.52
C PRO A 9 -11.49 20.03 -8.81
N VAL A 10 -10.37 19.65 -9.40
CA VAL A 10 -10.01 20.25 -10.66
C VAL A 10 -11.17 19.84 -11.53
N PRO A 11 -11.69 20.77 -12.33
CA PRO A 11 -12.82 20.45 -13.20
C PRO A 11 -12.41 20.30 -14.64
N LEU A 12 -11.15 20.54 -14.96
CA LEU A 12 -10.72 20.53 -16.35
C LEU A 12 -10.50 19.10 -16.79
N VAL A 13 -11.61 18.41 -16.99
CA VAL A 13 -11.58 17.06 -17.51
C VAL A 13 -12.62 16.87 -18.62
N THR A 14 -12.18 16.41 -19.78
CA THR A 14 -13.06 16.14 -20.89
C THR A 14 -12.79 14.70 -21.25
N CYS A 15 -13.83 13.89 -21.43
CA CYS A 15 -13.52 12.50 -21.80
C CYS A 15 -13.45 12.20 -23.30
N ASP A 16 -12.39 11.53 -23.69
CA ASP A 16 -12.12 11.22 -25.09
C ASP A 16 -13.22 10.34 -25.59
N GLU A 17 -13.63 9.44 -24.72
CA GLU A 17 -14.82 8.64 -24.87
C GLU A 17 -14.68 7.57 -25.96
N GLN A 18 -13.47 7.44 -26.49
CA GLN A 18 -13.20 6.36 -27.43
C GLN A 18 -11.75 5.95 -27.23
N SER A 19 -11.02 6.79 -26.52
CA SER A 19 -9.65 6.53 -26.14
C SER A 19 -9.54 5.07 -25.70
N PRO A 20 -8.59 4.33 -26.30
CA PRO A 20 -8.42 2.93 -25.91
C PRO A 20 -7.62 2.79 -24.62
N TYR A 21 -7.11 3.90 -24.10
CA TYR A 21 -6.25 3.89 -22.92
C TYR A 21 -6.87 4.62 -21.73
N ARG A 22 -6.50 4.18 -20.53
CA ARG A 22 -6.87 4.87 -19.31
C ARG A 22 -6.31 6.28 -19.32
N THR A 23 -7.04 7.21 -18.72
CA THR A 23 -6.46 8.49 -18.34
C THR A 23 -5.45 8.23 -17.22
N ILE A 24 -4.62 9.23 -16.94
CA ILE A 24 -3.68 9.15 -15.82
C ILE A 24 -4.43 9.33 -14.49
N THR A 25 -5.44 10.19 -14.48
CA THR A 25 -6.16 10.52 -13.27
C THR A 25 -7.28 9.54 -12.90
N GLY A 26 -7.64 8.66 -13.83
CA GLY A 26 -8.72 7.69 -13.59
C GLY A 26 -10.09 8.19 -14.02
N ASP A 27 -10.19 9.49 -14.27
CA ASP A 27 -11.42 10.07 -14.83
C ASP A 27 -11.78 9.36 -16.13
N CYS A 28 -13.07 9.36 -16.46
CA CYS A 28 -13.55 8.82 -17.74
C CYS A 28 -13.65 7.30 -17.79
N ASN A 29 -13.29 6.63 -16.70
CA ASN A 29 -13.42 5.18 -16.64
C ASN A 29 -14.88 4.78 -16.70
N ASN A 30 -15.68 5.31 -15.78
CA ASN A 30 -17.12 5.10 -15.81
C ASN A 30 -17.77 6.17 -16.66
N ARG A 31 -18.44 5.76 -17.73
CA ARG A 31 -19.02 6.70 -18.69
C ARG A 31 -20.19 7.51 -18.12
N ARG A 32 -21.03 6.87 -17.30
CA ARG A 32 -22.17 7.57 -16.70
C ARG A 32 -21.75 8.55 -15.60
N SER A 33 -20.72 8.18 -14.84
CA SER A 33 -20.17 9.06 -13.82
C SER A 33 -18.65 9.05 -13.91
N PRO A 34 -18.09 9.95 -14.76
CA PRO A 34 -16.68 9.98 -15.12
C PRO A 34 -15.70 10.21 -13.97
N ALA A 35 -16.17 10.81 -12.88
CA ALA A 35 -15.30 11.08 -11.72
C ALA A 35 -15.05 9.86 -10.84
N LEU A 36 -15.87 8.82 -10.98
CA LEU A 36 -15.78 7.62 -10.12
C LEU A 36 -14.45 6.89 -10.27
N GLY A 37 -13.73 6.74 -9.15
CA GLY A 37 -12.46 6.04 -9.16
C GLY A 37 -11.28 6.93 -9.51
N ALA A 38 -11.58 8.16 -9.89
CA ALA A 38 -10.57 9.16 -10.19
C ALA A 38 -9.83 9.57 -8.92
N ALA A 39 -8.54 9.83 -9.07
CA ALA A 39 -7.70 10.33 -7.99
C ALA A 39 -8.17 11.70 -7.49
N ASN A 40 -7.67 12.07 -6.31
CA ASN A 40 -7.93 13.37 -5.68
C ASN A 40 -9.40 13.72 -5.43
N ARG A 41 -10.20 12.69 -5.17
CA ARG A 41 -11.59 12.82 -4.74
C ARG A 41 -11.74 12.18 -3.35
N ALA A 42 -12.92 12.32 -2.76
CA ALA A 42 -13.21 11.71 -1.48
C ALA A 42 -13.18 10.19 -1.54
N LEU A 43 -12.55 9.57 -0.54
CA LEU A 43 -12.72 8.14 -0.31
C LEU A 43 -14.21 7.85 -0.18
N ALA A 44 -14.63 6.67 -0.63
CA ALA A 44 -16.02 6.25 -0.49
C ALA A 44 -16.36 5.91 0.96
N ARG A 45 -17.59 6.24 1.36
CA ARG A 45 -18.11 5.88 2.68
C ARG A 45 -19.10 4.74 2.57
N TRP A 46 -18.67 3.53 2.95
CA TRP A 46 -19.57 2.38 2.99
C TRP A 46 -20.54 2.49 4.17
N LEU A 47 -20.09 3.17 5.22
CA LEU A 47 -20.93 3.50 6.36
C LEU A 47 -20.70 4.96 6.72
N PRO A 48 -21.73 5.63 7.29
CA PRO A 48 -21.54 7.01 7.72
C PRO A 48 -20.36 7.17 8.66
N ALA A 49 -19.63 8.27 8.51
CA ALA A 49 -18.48 8.56 9.36
C ALA A 49 -18.90 8.70 10.81
N GLU A 50 -18.02 8.37 11.73
CA GLU A 50 -18.34 8.58 13.11
C GLU A 50 -17.27 9.42 13.78
N TYR A 51 -17.64 10.63 14.12
CA TYR A 51 -16.79 11.61 14.76
C TYR A 51 -17.46 11.99 16.07
N GLU A 52 -16.67 12.43 17.05
CA GLU A 52 -17.21 12.76 18.37
C GLU A 52 -18.23 13.90 18.34
N ASP A 53 -18.10 14.80 17.36
CA ASP A 53 -19.06 15.89 17.18
C ASP A 53 -19.99 15.64 16.00
N GLY A 54 -19.97 14.41 15.49
CA GLY A 54 -20.79 14.02 14.35
C GLY A 54 -20.31 14.55 13.01
N LEU A 55 -19.33 15.45 13.03
CA LEU A 55 -18.90 16.16 11.81
C LEU A 55 -17.45 15.87 11.46
N ALA A 56 -16.51 16.28 12.31
CA ALA A 56 -15.09 16.19 11.96
C ALA A 56 -14.12 15.84 13.08
N VAL A 57 -14.53 16.04 14.33
CA VAL A 57 -13.63 15.86 15.47
C VAL A 57 -13.51 14.37 15.85
N PRO A 58 -12.28 13.84 15.88
CA PRO A 58 -12.08 12.41 16.14
C PRO A 58 -12.50 12.02 17.55
N PHE A 59 -12.96 10.78 17.73
CA PHE A 59 -13.12 10.23 19.06
C PHE A 59 -11.73 10.21 19.71
N GLY A 60 -11.65 10.71 20.94
CA GLY A 60 -10.37 10.85 21.63
C GLY A 60 -9.83 12.27 21.61
N TRP A 61 -10.50 13.16 20.88
CA TRP A 61 -10.08 14.56 20.79
C TRP A 61 -10.37 15.33 22.08
N THR A 62 -11.62 15.32 22.51
CA THR A 62 -12.01 15.96 23.77
C THR A 62 -11.97 14.92 24.88
N GLN A 63 -11.18 15.19 25.90
CA GLN A 63 -10.93 14.22 26.98
C GLN A 63 -12.23 13.72 27.63
N ARG A 64 -13.12 14.65 27.97
CA ARG A 64 -14.38 14.30 28.62
C ARG A 64 -15.33 13.52 27.71
N LYS A 65 -15.36 13.87 26.44
CA LYS A 65 -16.27 13.22 25.47
C LYS A 65 -15.94 11.74 25.33
N THR A 66 -16.90 10.90 25.72
CA THR A 66 -16.72 9.45 25.63
C THR A 66 -17.25 8.92 24.30
N ARG A 67 -17.04 7.62 24.08
CA ARG A 67 -17.66 6.90 22.97
C ARG A 67 -18.45 5.77 23.60
N ASN A 68 -19.78 5.85 23.48
CA ASN A 68 -20.67 4.88 24.12
C ASN A 68 -20.49 4.82 25.64
N GLY A 69 -20.20 5.97 26.24
CA GLY A 69 -20.08 6.08 27.69
C GLY A 69 -18.70 5.80 28.24
N PHE A 70 -17.76 5.45 27.37
CA PHE A 70 -16.41 5.12 27.77
C PHE A 70 -15.37 5.94 27.05
N ARG A 71 -14.33 6.33 27.77
CA ARG A 71 -13.21 7.03 27.16
C ARG A 71 -12.50 6.07 26.21
N VAL A 72 -12.06 6.57 25.06
CA VAL A 72 -11.27 5.73 24.16
C VAL A 72 -9.82 5.73 24.65
N PRO A 73 -9.18 4.55 24.67
CA PRO A 73 -7.82 4.41 25.17
C PRO A 73 -6.80 5.07 24.24
N LEU A 74 -5.71 5.57 24.81
CA LEU A 74 -4.62 6.15 24.02
C LEU A 74 -4.10 5.14 23.00
N ALA A 75 -3.90 5.61 21.78
CA ALA A 75 -3.40 4.77 20.69
C ALA A 75 -2.08 4.09 21.05
N ARG A 76 -1.16 4.87 21.63
CA ARG A 76 0.14 4.35 22.04
C ARG A 76 0.03 3.34 23.18
N GLU A 77 -1.01 3.46 24.01
CA GLU A 77 -1.24 2.48 25.09
C GLU A 77 -1.77 1.15 24.55
N VAL A 78 -2.69 1.20 23.58
CA VAL A 78 -3.14 0.00 22.89
C VAL A 78 -1.93 -0.67 22.22
N SER A 79 -1.09 0.14 21.58
CA SER A 79 0.12 -0.37 20.96
C SER A 79 1.01 -1.12 21.96
N ASN A 80 1.39 -0.45 23.05
CA ASN A 80 2.23 -1.06 24.09
C ASN A 80 1.69 -2.39 24.59
N LYS A 81 0.43 -2.40 24.98
CA LYS A 81 -0.16 -3.52 25.72
C LYS A 81 -0.61 -4.70 24.87
N ILE A 82 -0.85 -4.47 23.58
CA ILE A 82 -1.47 -5.46 22.71
C ILE A 82 -0.61 -5.83 21.50
N VAL A 83 -0.08 -4.79 20.85
CA VAL A 83 0.56 -4.92 19.55
C VAL A 83 2.03 -5.32 19.63
N GLY A 84 2.68 -4.96 20.73
CA GLY A 84 4.12 -5.19 20.88
C GLY A 84 4.51 -6.57 21.36
N TYR A 85 5.78 -6.90 21.16
CA TYR A 85 6.38 -8.16 21.63
C TYR A 85 7.90 -8.07 21.56
N LEU A 86 8.58 -8.97 22.24
CA LEU A 86 10.04 -8.92 22.36
C LEU A 86 10.75 -9.94 21.48
N ASP A 87 10.22 -11.15 21.44
CA ASP A 87 10.92 -12.29 20.86
C ASP A 87 10.61 -12.47 19.38
N GLU A 88 11.60 -12.22 18.53
CA GLU A 88 11.41 -12.39 17.09
C GLU A 88 11.55 -13.85 16.64
N GLU A 89 12.04 -14.71 17.53
CA GLU A 89 12.13 -16.13 17.23
C GLU A 89 10.75 -16.73 17.00
N GLY A 90 10.64 -17.56 15.97
CA GLY A 90 9.42 -18.30 15.69
C GLY A 90 8.28 -17.53 15.06
N VAL A 91 8.49 -16.25 14.76
CA VAL A 91 7.41 -15.40 14.24
C VAL A 91 7.20 -15.51 12.73
N LEU A 92 8.14 -16.15 12.03
CA LEU A 92 8.13 -16.14 10.57
C LEU A 92 7.09 -17.06 9.95
N ASP A 93 6.50 -16.59 8.84
CA ASP A 93 5.49 -17.34 8.11
C ASP A 93 6.12 -18.49 7.35
N GLN A 94 5.83 -19.71 7.80
CA GLN A 94 6.42 -20.92 7.22
C GLN A 94 6.08 -21.16 5.75
N ASN A 95 5.00 -20.55 5.27
CA ASN A 95 4.59 -20.76 3.88
C ASN A 95 4.22 -19.50 3.10
N ARG A 96 4.88 -18.39 3.42
CA ARG A 96 4.78 -17.16 2.64
C ARG A 96 6.16 -16.54 2.53
N SER A 97 6.62 -16.32 1.30
CA SER A 97 7.88 -15.63 1.05
C SER A 97 7.76 -14.18 1.50
N LEU A 98 8.90 -13.51 1.62
CA LEU A 98 8.92 -12.09 1.96
C LEU A 98 8.27 -11.24 0.86
N LEU A 99 8.24 -11.78 -0.36
CA LEU A 99 7.60 -11.09 -1.47
C LEU A 99 6.09 -10.93 -1.29
N PHE A 100 5.48 -11.89 -0.60
CA PHE A 100 4.05 -11.85 -0.28
C PHE A 100 3.69 -10.58 0.48
N MET A 101 4.50 -10.24 1.49
CA MET A 101 4.37 -8.97 2.20
C MET A 101 4.55 -7.81 1.24
N GLN A 102 5.64 -7.86 0.47
CA GLN A 102 6.02 -6.73 -0.36
C GLN A 102 5.01 -6.42 -1.46
N TRP A 103 4.44 -7.46 -2.06
CA TRP A 103 3.43 -7.26 -3.09
C TRP A 103 2.20 -6.57 -2.51
N GLY A 104 1.88 -6.90 -1.27
CA GLY A 104 0.79 -6.26 -0.55
C GLY A 104 0.93 -4.76 -0.49
N GLN A 105 2.12 -4.29 -0.15
CA GLN A 105 2.39 -2.87 -0.07
C GLN A 105 2.24 -2.20 -1.43
N ILE A 106 2.72 -2.88 -2.44
CA ILE A 106 2.62 -2.43 -3.83
C ILE A 106 1.18 -2.20 -4.27
N VAL A 107 0.35 -3.22 -4.11
CA VAL A 107 -1.06 -3.15 -4.48
C VAL A 107 -1.74 -2.02 -3.72
N ASP A 108 -1.50 -1.67 -2.47
CA ASP A 108 -2.06 -0.66 -1.56
C ASP A 108 -1.71 0.73 -2.08
N HIS A 109 -0.45 0.69 -2.52
CA HIS A 109 0.00 1.98 -3.02
C HIS A 109 -0.59 2.31 -4.37
N ASP A 110 -0.94 1.29 -5.14
CA ASP A 110 -1.68 1.51 -6.36
C ASP A 110 -3.06 2.07 -6.06
N LEU A 111 -3.67 1.65 -4.96
CA LEU A 111 -5.10 1.86 -4.72
C LEU A 111 -5.47 3.09 -3.89
N ASP A 112 -4.70 3.36 -2.84
CA ASP A 112 -5.06 4.48 -1.95
C ASP A 112 -3.89 5.22 -1.33
N PHE A 113 -4.12 6.51 -1.12
CA PHE A 113 -3.19 7.38 -0.43
C PHE A 113 -3.98 8.58 0.09
N ALA A 114 -4.01 8.72 1.41
CA ALA A 114 -4.66 9.86 2.06
C ALA A 114 -3.59 10.71 2.75
N PRO A 115 -2.99 11.66 2.00
CA PRO A 115 -1.89 12.46 2.53
C PRO A 115 -2.31 13.40 3.67
N GLU A 116 -1.38 13.65 4.60
CA GLU A 116 -1.58 14.64 5.66
C GLU A 116 -1.84 16.01 5.04
N THR A 117 -2.65 16.81 5.70
CA THR A 117 -2.93 18.16 5.25
C THR A 117 -1.59 18.87 5.23
N GLU A 118 -1.53 19.95 4.47
CA GLU A 118 -0.35 20.81 4.39
C GLU A 118 -0.55 22.16 5.09
N LEU A 119 -1.10 23.13 4.38
CA LEU A 119 -1.49 24.40 4.99
C LEU A 119 -0.52 25.08 5.95
N GLY A 120 0.78 24.98 5.69
CA GLY A 120 1.76 25.59 6.56
C GLY A 120 3.09 25.38 5.86
N SER A 121 3.38 26.17 4.83
CA SER A 121 4.62 25.97 4.08
C SER A 121 5.72 26.59 4.92
N SER A 122 5.44 27.78 5.44
CA SER A 122 6.34 28.51 6.31
C SER A 122 5.90 28.10 7.68
N GLU A 123 5.12 27.02 7.71
CA GLU A 123 4.37 26.67 8.88
C GLU A 123 5.25 26.50 10.09
N HIS A 124 4.76 27.04 11.19
CA HIS A 124 5.45 26.92 12.47
C HIS A 124 4.64 26.05 13.41
N SER A 125 3.39 25.78 13.02
CA SER A 125 2.56 24.79 13.69
C SER A 125 3.13 23.41 13.40
N LYS A 126 3.96 23.33 12.36
CA LYS A 126 4.78 22.15 12.06
C LYS A 126 5.80 21.93 13.19
N VAL A 127 6.06 22.98 13.96
CA VAL A 127 6.92 22.90 15.14
C VAL A 127 6.10 22.99 16.43
N GLN A 128 5.01 23.73 16.42
CA GLN A 128 4.14 23.80 17.60
C GLN A 128 3.55 22.43 17.94
N CYS A 129 3.33 21.61 16.92
CA CYS A 129 2.89 20.23 17.10
C CYS A 129 4.05 19.35 17.50
N GLU A 130 5.15 19.46 16.76
CA GLU A 130 6.38 18.72 17.04
C GLU A 130 6.89 19.02 18.44
N GLU A 131 7.21 20.30 18.68
CA GLU A 131 7.94 20.74 19.87
C GLU A 131 7.14 20.60 21.15
N TYR A 132 5.89 21.07 21.14
CA TYR A 132 5.13 21.24 22.37
C TYR A 132 3.94 20.31 22.53
N CYS A 133 3.74 19.44 21.54
CA CYS A 133 2.71 18.41 21.62
C CYS A 133 1.34 18.98 21.96
N VAL A 134 1.04 20.17 21.46
CA VAL A 134 -0.21 20.85 21.76
C VAL A 134 -1.24 20.59 20.64
N GLN A 135 -2.34 19.96 21.02
CA GLN A 135 -3.39 19.60 20.09
C GLN A 135 -4.17 20.83 19.62
N GLY A 136 -4.30 20.95 18.31
CA GLY A 136 -5.10 22.00 17.74
C GLY A 136 -5.23 21.87 16.26
N ASP A 137 -6.41 22.09 15.71
CA ASP A 137 -6.53 22.07 14.30
C ASP A 137 -6.06 20.76 13.69
N GLU A 138 -5.10 20.80 12.79
CA GLU A 138 -4.67 19.58 12.18
C GLU A 138 -3.59 18.85 12.96
N CYS A 139 -3.14 19.41 14.08
CA CYS A 139 -2.18 18.73 14.94
C CYS A 139 -2.96 17.88 15.87
N PHE A 140 -2.79 16.58 15.76
CA PHE A 140 -3.51 15.62 16.58
C PHE A 140 -2.51 14.64 17.21
N PRO A 141 -1.67 15.15 18.14
CA PRO A 141 -0.49 14.40 18.58
C PRO A 141 -0.83 13.10 19.31
N ILE A 142 0.02 12.09 19.11
CA ILE A 142 -0.14 10.82 19.79
C ILE A 142 0.59 10.91 21.14
N MET A 143 -0.18 11.07 22.21
CA MET A 143 0.38 11.24 23.55
C MET A 143 0.84 9.91 24.13
N PHE A 144 2.00 9.92 24.79
CA PHE A 144 2.48 8.74 25.51
C PHE A 144 1.69 8.53 26.79
N PRO A 145 1.35 7.26 27.07
CA PRO A 145 0.78 6.92 28.37
C PRO A 145 1.86 6.95 29.44
N LYS A 146 1.44 7.06 30.70
CA LYS A 146 2.35 6.93 31.83
C LYS A 146 2.96 5.53 31.79
N ASN A 147 4.25 5.44 32.16
CA ASN A 147 5.01 4.19 32.10
C ASN A 147 5.64 3.90 30.74
N ASP A 148 5.32 4.72 29.74
CA ASP A 148 5.89 4.55 28.41
C ASP A 148 7.34 4.97 28.42
N PRO A 149 8.26 4.04 28.05
CA PRO A 149 9.68 4.33 27.98
C PRO A 149 10.02 5.54 27.11
N LYS A 150 9.22 5.77 26.06
CA LYS A 150 9.46 6.90 25.18
C LYS A 150 9.23 8.23 25.88
N LEU A 151 8.40 8.22 26.92
CA LEU A 151 8.22 9.40 27.75
C LEU A 151 9.54 9.83 28.41
N LYS A 152 10.39 8.86 28.70
CA LYS A 152 11.68 9.13 29.33
C LYS A 152 12.75 9.61 28.35
N THR A 153 12.60 9.26 27.07
CA THR A 153 13.65 9.54 26.08
C THR A 153 13.22 10.44 24.91
N GLN A 154 11.91 10.58 24.69
CA GLN A 154 11.40 11.27 23.48
C GLN A 154 10.43 12.42 23.73
N GLY A 155 10.26 12.82 24.99
CA GLY A 155 9.31 13.89 25.31
C GLY A 155 7.92 13.35 25.57
N LYS A 156 6.91 14.21 25.38
CA LYS A 156 5.54 13.89 25.80
C LYS A 156 4.67 13.21 24.75
N CYS A 157 5.06 13.28 23.48
CA CYS A 157 4.24 12.71 22.40
C CYS A 157 5.00 12.40 21.13
N MET A 158 4.31 11.72 20.22
CA MET A 158 4.73 11.64 18.82
C MET A 158 3.84 12.58 18.03
N PRO A 159 4.44 13.42 17.17
CA PRO A 159 3.64 14.31 16.32
C PRO A 159 2.79 13.52 15.34
N PHE A 160 1.62 14.08 15.03
CA PHE A 160 0.65 13.43 14.14
C PHE A 160 -0.25 14.52 13.57
N PHE A 161 -0.40 14.51 12.24
CA PHE A 161 -1.17 15.55 11.56
C PHE A 161 -2.32 14.92 10.79
N ARG A 162 -3.49 15.53 10.92
CA ARG A 162 -4.73 14.99 10.36
C ARG A 162 -4.70 14.92 8.84
N ALA A 163 -5.33 13.87 8.29
CA ALA A 163 -5.35 13.65 6.85
C ALA A 163 -6.10 14.75 6.13
N GLY A 164 -5.69 15.03 4.89
CA GLY A 164 -6.36 16.01 4.04
C GLY A 164 -7.78 15.58 3.70
N PHE A 165 -8.67 16.56 3.51
CA PHE A 165 -10.08 16.30 3.24
C PHE A 165 -10.61 17.18 2.11
N VAL A 166 -11.71 16.70 1.53
CA VAL A 166 -12.30 17.15 0.29
C VAL A 166 -12.89 18.55 0.32
N CYS A 167 -13.05 19.11 -0.87
CA CYS A 167 -13.45 20.49 -1.03
C CYS A 167 -12.34 21.33 -0.43
N PRO A 168 -12.74 22.17 0.51
CA PRO A 168 -11.84 22.99 1.32
C PRO A 168 -10.97 22.16 2.23
N THR A 169 -9.82 22.73 2.47
CA THR A 169 -8.68 22.21 3.21
C THR A 169 -8.97 22.60 4.65
N PRO A 170 -9.46 23.82 4.80
CA PRO A 170 -9.92 24.34 6.09
C PRO A 170 -11.18 23.58 6.44
N PRO A 171 -11.42 23.35 7.73
CA PRO A 171 -12.57 22.53 8.12
C PRO A 171 -13.92 23.13 7.71
N TYR A 172 -14.78 22.26 7.17
CA TYR A 172 -16.18 22.57 6.85
C TYR A 172 -17.09 22.22 8.03
N GLN A 173 -18.30 22.79 8.08
CA GLN A 173 -19.20 22.53 9.20
C GLN A 173 -20.70 22.13 9.04
N SER A 174 -21.08 21.47 7.97
CA SER A 174 -22.44 20.96 7.83
C SER A 174 -22.54 19.49 7.50
N LEU A 175 -21.50 18.98 6.86
CA LEU A 175 -21.43 17.57 6.46
C LEU A 175 -20.09 16.96 6.85
N ALA A 176 -20.12 15.67 7.12
CA ALA A 176 -19.05 14.91 7.75
C ALA A 176 -17.78 14.98 6.89
N ARG A 177 -16.78 15.31 7.55
CA ARG A 177 -15.48 15.38 6.90
C ARG A 177 -15.10 14.16 6.11
N ASP A 178 -14.70 14.38 4.86
CA ASP A 178 -14.31 13.30 3.94
C ASP A 178 -12.86 13.39 3.53
N GLN A 179 -12.09 12.36 3.87
CA GLN A 179 -10.67 12.28 3.52
C GLN A 179 -10.47 11.99 2.04
N ILE A 180 -9.35 12.45 1.52
CA ILE A 180 -9.01 12.37 0.10
C ILE A 180 -8.23 11.11 -0.22
N ASN A 181 -8.57 10.47 -1.34
CA ASN A 181 -7.70 9.49 -1.96
C ASN A 181 -6.97 10.17 -3.11
N ALA A 182 -5.65 10.28 -2.97
CA ALA A 182 -4.82 11.02 -3.91
C ALA A 182 -4.37 10.18 -5.12
N VAL A 183 -4.70 8.89 -5.12
CA VAL A 183 -4.37 8.04 -6.26
C VAL A 183 -5.62 7.36 -6.85
N THR A 184 -5.48 6.80 -8.04
CA THR A 184 -6.61 6.19 -8.75
C THR A 184 -7.05 4.89 -8.09
N SER A 185 -8.36 4.72 -7.93
CA SER A 185 -8.93 3.54 -7.27
C SER A 185 -8.74 2.26 -8.08
N PHE A 186 -8.63 2.42 -9.40
CA PHE A 186 -8.41 1.30 -10.31
C PHE A 186 -7.02 0.72 -10.10
N LEU A 187 -6.92 -0.60 -10.17
CA LEU A 187 -5.63 -1.27 -10.11
C LEU A 187 -5.01 -1.13 -11.49
N ASP A 188 -4.18 -0.09 -11.64
CA ASP A 188 -3.82 0.38 -12.97
C ASP A 188 -2.38 0.87 -13.09
N ALA A 189 -1.52 0.41 -12.19
CA ALA A 189 -0.09 0.79 -12.17
C ALA A 189 0.15 2.29 -11.98
N SER A 190 -0.77 2.96 -11.32
CA SER A 190 -0.62 4.39 -11.02
C SER A 190 0.56 4.66 -10.09
N LEU A 191 1.01 3.62 -9.38
CA LEU A 191 2.19 3.76 -8.53
C LEU A 191 3.46 3.85 -9.37
N VAL A 192 3.36 3.43 -10.63
CA VAL A 192 4.46 3.50 -11.59
C VAL A 192 4.38 4.79 -12.42
N TYR A 193 3.18 5.12 -12.87
CA TYR A 193 3.00 6.21 -13.84
C TYR A 193 2.55 7.53 -13.25
N GLY A 194 2.11 7.51 -12.00
CA GLY A 194 1.56 8.70 -11.37
C GLY A 194 0.07 8.74 -11.54
N SER A 195 -0.59 9.54 -10.71
CA SER A 195 -2.03 9.74 -10.77
C SER A 195 -2.37 11.19 -11.11
N GLU A 196 -1.33 11.96 -11.44
CA GLU A 196 -1.46 13.35 -11.84
C GLU A 196 -0.70 13.58 -13.15
N PRO A 197 -1.29 14.36 -14.09
CA PRO A 197 -0.67 14.62 -15.39
C PRO A 197 0.71 15.24 -15.21
N SEP A 198 0.76 16.18 -14.28
CA SEP A 198 1.94 16.89 -13.89
CB SEP A 198 1.58 17.81 -12.70
OG SEP A 198 0.40 18.57 -13.01
C SEP A 198 3.12 15.94 -13.56
O SEP A 198 4.24 16.12 -14.04
P SEP A 198 -0.94 18.17 -12.20
O1P SEP A 198 -2.22 18.10 -13.18
O2P SEP A 198 -1.26 19.24 -11.03
O3P SEP A 198 -0.73 16.74 -11.51
N LEU A 199 2.84 14.89 -12.78
CA LEU A 199 3.86 13.91 -12.40
C LEU A 199 4.14 12.89 -13.50
N ALA A 200 3.07 12.42 -14.13
CA ALA A 200 3.16 11.42 -15.19
C ALA A 200 4.11 11.87 -16.31
N SER A 201 4.09 13.16 -16.61
CA SER A 201 4.92 13.72 -17.68
C SER A 201 6.39 13.81 -17.25
N ARG A 202 6.63 14.32 -16.05
CA ARG A 202 7.99 14.42 -15.53
C ARG A 202 8.67 13.05 -15.47
N LEU A 203 7.87 12.00 -15.24
CA LEU A 203 8.41 10.65 -15.11
C LEU A 203 8.81 10.05 -16.45
N ARG A 204 8.25 10.60 -17.52
CA ARG A 204 8.50 10.07 -18.85
C ARG A 204 9.77 10.62 -19.47
N ASN A 205 10.38 9.81 -20.32
CA ASN A 205 11.48 10.25 -21.16
C ASN A 205 10.92 10.77 -22.48
N LEU A 206 10.78 12.08 -22.57
CA LEU A 206 10.27 12.73 -23.77
C LEU A 206 11.41 13.33 -24.60
N SER A 207 12.63 12.81 -24.40
CA SER A 207 13.77 13.18 -25.21
C SER A 207 13.84 12.31 -26.46
N SER A 208 13.47 11.04 -26.32
CA SER A 208 13.45 10.10 -27.43
C SER A 208 12.03 9.56 -27.64
N PRO A 209 11.61 9.41 -28.91
CA PRO A 209 10.26 8.96 -29.24
C PRO A 209 10.04 7.47 -28.99
N LEU A 210 10.66 6.95 -27.93
CA LEU A 210 10.66 5.51 -27.68
C LEU A 210 9.64 5.06 -26.63
N GLY A 211 8.89 6.03 -26.08
CA GLY A 211 7.87 5.74 -25.06
C GLY A 211 8.46 5.13 -23.81
N LEU A 212 9.67 5.56 -23.46
CA LEU A 212 10.36 5.07 -22.27
C LEU A 212 10.07 5.94 -21.06
N MET A 213 10.19 5.35 -19.88
CA MET A 213 10.20 6.11 -18.64
C MET A 213 11.63 6.54 -18.38
N ALA A 214 11.80 7.77 -17.90
CA ALA A 214 13.12 8.32 -17.63
C ALA A 214 13.82 7.49 -16.57
N VAL A 215 15.14 7.37 -16.69
CA VAL A 215 15.91 6.58 -15.75
C VAL A 215 17.02 7.41 -15.13
N ASN A 216 17.64 6.84 -14.10
CA ASN A 216 18.75 7.51 -13.45
C ASN A 216 19.92 7.66 -14.42
N GLN A 217 20.48 8.86 -14.46
CA GLN A 217 21.62 9.14 -15.31
C GLN A 217 22.92 9.18 -14.49
N GLU A 218 22.75 9.31 -13.17
CA GLU A 218 23.86 9.34 -12.24
C GLU A 218 24.41 7.95 -11.95
N ALA A 219 23.51 7.02 -11.63
CA ALA A 219 23.91 5.70 -11.19
C ALA A 219 23.28 4.59 -12.04
N TRP A 220 23.99 3.47 -12.12
CA TRP A 220 23.52 2.30 -12.84
C TRP A 220 23.67 1.04 -12.02
N ASP A 221 22.87 0.03 -12.35
CA ASP A 221 22.90 -1.24 -11.64
C ASP A 221 23.49 -2.27 -12.59
N HIS A 222 24.82 -2.31 -12.65
CA HIS A 222 25.54 -3.17 -13.58
C HIS A 222 24.91 -3.13 -14.98
N GLY A 223 24.72 -1.93 -15.51
CA GLY A 223 24.08 -1.73 -16.80
C GLY A 223 22.57 -1.74 -16.77
N LEU A 224 21.99 -1.94 -15.59
CA LEU A 224 20.53 -1.91 -15.43
C LEU A 224 20.08 -0.62 -14.77
N ALA A 225 18.85 -0.22 -15.06
CA ALA A 225 18.36 1.11 -14.68
C ALA A 225 17.90 1.22 -13.23
N TYR A 226 18.10 2.41 -12.67
CA TYR A 226 17.47 2.81 -11.42
C TYR A 226 16.35 3.80 -11.75
N PRO A 227 15.38 3.96 -10.85
CA PRO A 227 14.53 5.13 -11.02
C PRO A 227 15.36 6.41 -10.89
N PRO A 228 14.89 7.50 -11.52
CA PRO A 228 15.55 8.79 -11.37
C PRO A 228 15.47 9.26 -9.92
N PHE A 229 16.40 10.12 -9.54
CA PHE A 229 16.37 10.71 -8.21
C PHE A 229 15.32 11.79 -8.14
N ASN A 230 14.67 11.92 -6.99
CA ASN A 230 13.91 13.12 -6.72
C ASN A 230 14.88 14.15 -6.18
N ASN A 231 15.13 15.20 -6.95
CA ASN A 231 16.18 16.15 -6.60
C ASN A 231 15.72 17.33 -5.73
N VAL A 232 14.53 17.20 -5.14
CA VAL A 232 13.99 18.22 -4.24
C VAL A 232 14.42 17.99 -2.80
N LYS A 233 14.62 19.08 -2.08
CA LYS A 233 15.14 19.03 -0.72
C LYS A 233 14.25 19.83 0.23
N PRO A 234 14.22 19.46 1.52
CA PRO A 234 15.02 18.41 2.16
C PRO A 234 14.48 17.01 1.88
N SER A 235 15.41 16.09 1.62
CA SER A 235 15.09 14.69 1.29
C SER A 235 15.42 13.77 2.46
N PRO A 236 14.48 12.90 2.85
CA PRO A 236 14.70 12.02 4.00
C PRO A 236 15.74 10.93 3.75
N CYS A 237 15.90 10.52 2.48
CA CYS A 237 16.89 9.51 2.14
C CYS A 237 18.32 10.02 2.29
N GLU A 238 18.53 11.30 2.01
CA GLU A 238 19.80 11.97 2.28
C GLU A 238 19.99 12.17 3.76
N PHE A 239 18.89 12.42 4.47
CA PHE A 239 18.92 12.68 5.90
C PHE A 239 19.43 11.48 6.69
N ILE A 240 18.96 10.29 6.35
CA ILE A 240 19.33 9.08 7.09
C ILE A 240 20.79 8.68 6.87
N ASN A 241 21.48 9.43 6.02
CA ASN A 241 22.91 9.25 5.79
C ASN A 241 23.57 10.49 5.19
N THR A 242 23.99 11.40 6.07
CA THR A 242 24.69 12.63 5.70
C THR A 242 25.82 12.41 4.69
N THR A 243 26.66 11.42 4.97
CA THR A 243 27.86 11.14 4.18
C THR A 243 27.52 10.61 2.78
N ALA A 244 26.51 9.75 2.71
CA ALA A 244 26.14 9.10 1.47
C ALA A 244 25.49 10.06 0.48
N HIS A 245 24.72 11.03 0.99
CA HIS A 245 23.99 11.99 0.16
C HIS A 245 23.29 11.34 -1.03
N VAL A 246 22.56 10.25 -0.81
CA VAL A 246 21.78 9.63 -1.88
C VAL A 246 20.30 9.92 -1.65
N PRO A 247 19.66 10.61 -2.62
CA PRO A 247 18.27 11.04 -2.49
C PRO A 247 17.31 9.87 -2.69
N CYS A 248 16.05 10.10 -2.34
CA CYS A 248 15.01 9.14 -2.61
C CYS A 248 14.78 9.06 -4.11
N PHE A 249 14.07 8.02 -4.53
CA PHE A 249 13.75 7.85 -5.94
C PHE A 249 12.49 8.62 -6.31
N GLN A 250 12.29 8.77 -7.61
CA GLN A 250 11.10 9.44 -8.12
C GLN A 250 10.29 8.43 -8.91
N ALA A 251 9.14 8.07 -8.36
CA ALA A 251 8.25 7.11 -8.99
C ALA A 251 6.87 7.72 -9.17
N GLY A 252 5.97 6.96 -9.79
CA GLY A 252 4.59 7.37 -9.96
C GLY A 252 3.84 7.50 -8.65
N ASP A 253 4.42 6.95 -7.60
CA ASP A 253 3.88 7.12 -6.26
C ASP A 253 4.97 7.64 -5.33
N SER A 254 4.62 8.63 -4.51
CA SER A 254 5.61 9.32 -3.68
C SER A 254 6.23 8.47 -2.57
N ARG A 255 5.52 7.43 -2.14
CA ARG A 255 5.97 6.61 -1.00
C ARG A 255 7.06 5.60 -1.34
N ALA A 256 7.45 5.57 -2.61
CA ALA A 256 8.32 4.53 -3.18
C ALA A 256 9.59 4.19 -2.40
N SER A 257 10.22 5.19 -1.78
CA SER A 257 11.47 4.95 -1.06
C SER A 257 11.30 4.74 0.44
N GLU A 258 10.18 4.37 1.09
CA GLU A 258 9.85 4.28 2.50
C GLU A 258 10.59 3.16 3.15
N GLN A 259 10.75 2.22 2.22
CA GLN A 259 11.69 1.20 2.62
C GLN A 259 12.32 0.53 1.41
N ILE A 260 13.52 0.00 1.63
CA ILE A 260 14.38 -0.46 0.56
C ILE A 260 13.75 -1.50 -0.37
N LEU A 261 12.88 -2.34 0.18
CA LEU A 261 12.25 -3.40 -0.60
C LEU A 261 11.08 -2.90 -1.43
N LEU A 262 10.47 -1.80 -1.00
CA LEU A 262 9.46 -1.13 -1.81
C LEU A 262 10.13 -0.43 -2.98
N ALA A 263 11.23 0.27 -2.71
CA ALA A 263 12.01 0.92 -3.76
C ALA A 263 12.49 -0.11 -4.77
N THR A 264 12.94 -1.25 -4.25
CA THR A 264 13.35 -2.40 -5.05
C THR A 264 12.26 -2.87 -6.01
N VAL A 265 11.03 -2.98 -5.52
CA VAL A 265 9.93 -3.46 -6.36
C VAL A 265 9.50 -2.43 -7.40
N HIS A 266 9.56 -1.16 -7.01
CA HIS A 266 9.32 -0.06 -7.94
C HIS A 266 10.36 -0.08 -9.06
N THR A 267 11.59 -0.47 -8.72
CA THR A 267 12.67 -0.55 -9.69
C THR A 267 12.38 -1.63 -10.73
N LEU A 268 11.95 -2.80 -10.25
CA LEU A 268 11.56 -3.89 -11.13
C LEU A 268 10.47 -3.50 -12.12
N LEU A 269 9.46 -2.78 -11.63
CA LEU A 269 8.31 -2.40 -12.47
C LEU A 269 8.67 -1.36 -13.52
N LEU A 270 9.55 -0.42 -13.17
CA LEU A 270 10.02 0.59 -14.11
C LEU A 270 10.83 -0.07 -15.22
N ARG A 271 11.75 -0.94 -14.83
CA ARG A 271 12.51 -1.74 -15.78
C ARG A 271 11.59 -2.49 -16.74
N GLU A 272 10.50 -3.03 -16.23
CA GLU A 272 9.55 -3.80 -17.04
C GLU A 272 8.91 -2.95 -18.13
N HIS A 273 8.51 -1.72 -17.78
CA HIS A 273 7.93 -0.81 -18.76
C HIS A 273 8.89 -0.53 -19.92
N ASN A 274 10.13 -0.21 -19.59
CA ASN A 274 11.14 0.07 -20.61
C ASN A 274 11.49 -1.15 -21.42
N ARG A 275 11.55 -2.31 -20.77
CA ARG A 275 11.76 -3.56 -21.48
C ARG A 275 10.64 -3.77 -22.49
N LEU A 276 9.41 -3.60 -22.04
CA LEU A 276 8.23 -3.80 -22.89
C LEU A 276 8.19 -2.82 -24.05
N ALA A 277 8.46 -1.54 -23.77
CA ALA A 277 8.47 -0.50 -24.79
C ALA A 277 9.49 -0.78 -25.89
N ARG A 278 10.61 -1.40 -25.51
CA ARG A 278 11.65 -1.77 -26.47
C ARG A 278 11.20 -2.90 -27.39
N GLU A 279 10.53 -3.91 -26.84
CA GLU A 279 10.02 -5.00 -27.64
C GLU A 279 8.93 -4.50 -28.59
N LEU A 280 8.04 -3.66 -28.06
CA LEU A 280 6.96 -3.05 -28.86
C LEU A 280 7.51 -2.20 -30.00
N LYS A 281 8.75 -1.74 -29.86
CA LYS A 281 9.41 -1.00 -30.93
C LYS A 281 9.87 -1.95 -32.04
N ARG A 282 10.53 -3.03 -31.65
CA ARG A 282 10.98 -4.05 -32.60
C ARG A 282 9.82 -4.58 -33.44
N LEU A 283 8.74 -4.96 -32.77
CA LEU A 283 7.55 -5.47 -33.44
C LEU A 283 6.86 -4.41 -34.27
N ASN A 284 6.82 -3.17 -33.76
CA ASN A 284 6.16 -2.08 -34.47
C ASN A 284 7.05 -0.84 -34.56
N PRO A 285 7.89 -0.76 -35.62
CA PRO A 285 8.79 0.38 -35.79
C PRO A 285 8.03 1.66 -36.09
N HIS A 286 6.79 1.53 -36.55
CA HIS A 286 5.97 2.66 -36.95
C HIS A 286 5.25 3.36 -35.79
N TRP A 287 5.14 2.66 -34.66
CA TRP A 287 4.53 3.22 -33.46
C TRP A 287 5.37 4.34 -32.88
N ASP A 288 4.75 5.52 -32.74
CA ASP A 288 5.42 6.66 -32.10
C ASP A 288 5.58 6.42 -30.60
N GLY A 289 6.20 7.36 -29.90
CA GLY A 289 6.46 7.24 -28.46
C GLY A 289 5.22 7.08 -27.61
N GLU A 290 4.23 7.93 -27.86
CA GLU A 290 2.97 7.90 -27.12
C GLU A 290 2.28 6.55 -27.22
N MET A 291 2.18 6.00 -28.42
CA MET A 291 1.61 4.67 -28.61
C MET A 291 2.39 3.63 -27.81
N LEU A 292 3.72 3.72 -27.88
CA LEU A 292 4.61 2.79 -27.16
C LEU A 292 4.42 2.85 -25.65
N TYR A 293 4.47 4.06 -25.10
CA TYR A 293 4.23 4.30 -23.69
C TYR A 293 2.87 3.77 -23.27
N GLN A 294 1.83 4.23 -23.96
CA GLN A 294 0.47 3.80 -23.65
C GLN A 294 0.32 2.29 -23.68
N GLU A 295 0.89 1.66 -24.71
CA GLU A 295 0.76 0.22 -24.89
C GLU A 295 1.55 -0.60 -23.88
N ALA A 296 2.76 -0.13 -23.53
CA ALA A 296 3.54 -0.75 -22.46
C ALA A 296 2.86 -0.56 -21.10
N ARG A 297 2.41 0.67 -20.84
CA ARG A 297 1.66 1.01 -19.63
C ARG A 297 0.48 0.05 -19.41
N LYS A 298 -0.29 -0.12 -20.48
CA LYS A 298 -1.47 -0.98 -20.49
C LYS A 298 -1.11 -2.44 -20.21
N ILE A 299 0.02 -2.89 -20.73
CA ILE A 299 0.49 -4.26 -20.47
C ILE A 299 0.86 -4.44 -19.01
N LEU A 300 1.64 -3.53 -18.46
CA LEU A 300 2.07 -3.60 -17.06
C LEU A 300 0.86 -3.59 -16.12
N GLY A 301 -0.10 -2.72 -16.40
CA GLY A 301 -1.37 -2.68 -15.67
C GLY A 301 -2.06 -4.04 -15.63
N ALA A 302 -2.12 -4.72 -16.77
CA ALA A 302 -2.67 -6.07 -16.84
C ALA A 302 -1.83 -7.04 -15.99
N PHE A 303 -0.51 -6.86 -16.03
CA PHE A 303 0.39 -7.68 -15.25
C PHE A 303 0.09 -7.56 -13.76
N ILE A 304 0.00 -6.32 -13.28
CA ILE A 304 -0.28 -6.09 -11.87
C ILE A 304 -1.63 -6.70 -11.47
N GLN A 305 -2.64 -6.52 -12.32
CA GLN A 305 -3.98 -7.05 -12.06
C GLN A 305 -4.00 -8.57 -11.91
N ILE A 306 -3.31 -9.27 -12.80
CA ILE A 306 -3.30 -10.73 -12.84
C ILE A 306 -2.52 -11.32 -11.66
N ILE A 307 -1.31 -10.80 -11.40
CA ILE A 307 -0.54 -11.24 -10.23
C ILE A 307 -1.38 -11.07 -8.97
N THR A 308 -2.06 -9.93 -8.87
CA THR A 308 -2.83 -9.62 -7.68
C THR A 308 -4.02 -10.57 -7.51
N PHE A 309 -4.81 -10.71 -8.57
CA PHE A 309 -6.06 -11.47 -8.47
C PHE A 309 -5.91 -12.98 -8.64
N ARG A 310 -4.91 -13.41 -9.42
CA ARG A 310 -4.66 -14.83 -9.65
C ARG A 310 -3.75 -15.45 -8.60
N ASP A 311 -2.74 -14.71 -8.14
CA ASP A 311 -1.72 -15.27 -7.23
C ASP A 311 -1.82 -14.77 -5.78
N TYR A 312 -2.05 -13.47 -5.61
CA TYR A 312 -1.97 -12.84 -4.30
C TYR A 312 -3.25 -12.99 -3.45
N LEU A 313 -4.37 -12.52 -4.00
CA LEU A 313 -5.64 -12.51 -3.27
C LEU A 313 -6.13 -13.88 -2.76
N PRO A 314 -5.95 -14.95 -3.56
CA PRO A 314 -6.34 -16.28 -3.09
C PRO A 314 -5.60 -16.76 -1.84
N ILE A 315 -4.36 -16.31 -1.65
CA ILE A 315 -3.58 -16.71 -0.48
C ILE A 315 -3.67 -15.71 0.67
N VAL A 316 -4.40 -14.61 0.43
CA VAL A 316 -4.82 -13.69 1.49
C VAL A 316 -6.20 -14.10 1.99
N LEU A 317 -7.14 -14.26 1.05
CA LEU A 317 -8.53 -14.52 1.40
C LEU A 317 -8.85 -15.98 1.67
N GLY A 318 -8.03 -16.88 1.13
CA GLY A 318 -8.22 -18.31 1.32
C GLY A 318 -9.62 -18.77 0.95
N SER A 319 -10.28 -19.43 1.89
CA SER A 319 -11.62 -19.98 1.69
C SER A 319 -12.69 -18.91 1.42
N GLU A 320 -12.38 -17.67 1.77
CA GLU A 320 -13.32 -16.56 1.60
C GLU A 320 -13.22 -15.98 0.21
N MET A 321 -12.13 -16.32 -0.49
CA MET A 321 -11.88 -15.82 -1.84
C MET A 321 -13.10 -15.92 -2.76
N GLN A 322 -13.64 -17.12 -2.88
CA GLN A 322 -14.73 -17.39 -3.82
C GLN A 322 -16.03 -16.79 -3.31
N LYS A 323 -16.14 -16.61 -2.00
CA LYS A 323 -17.31 -16.01 -1.37
C LYS A 323 -17.48 -14.51 -1.69
N TRP A 324 -16.36 -13.81 -1.89
CA TRP A 324 -16.40 -12.36 -2.11
C TRP A 324 -15.98 -11.94 -3.51
N ILE A 325 -15.08 -12.72 -4.10
CA ILE A 325 -14.61 -12.45 -5.46
C ILE A 325 -14.84 -13.69 -6.34
N PRO A 326 -16.09 -13.90 -6.80
CA PRO A 326 -16.40 -14.99 -7.72
C PRO A 326 -15.68 -14.81 -9.05
N PRO A 327 -15.57 -15.88 -9.86
CA PRO A 327 -14.98 -15.73 -11.19
C PRO A 327 -15.61 -14.58 -11.96
N TYR A 328 -14.81 -13.97 -12.83
CA TYR A 328 -15.19 -12.74 -13.54
C TYR A 328 -16.35 -12.95 -14.51
N GLN A 329 -17.25 -11.97 -14.57
CA GLN A 329 -18.43 -12.03 -15.43
C GLN A 329 -18.54 -10.85 -16.40
N GLY A 330 -17.48 -10.06 -16.49
CA GLY A 330 -17.48 -8.88 -17.34
C GLY A 330 -17.62 -7.59 -16.54
N TYR A 331 -17.51 -6.47 -17.25
CA TYR A 331 -17.58 -5.15 -16.65
C TYR A 331 -19.00 -4.79 -16.26
N ASN A 332 -19.14 -4.16 -15.11
CA ASN A 332 -20.43 -3.76 -14.59
C ASN A 332 -20.38 -2.29 -14.19
N ASN A 333 -20.94 -1.43 -15.02
CA ASN A 333 -20.92 0.02 -14.78
C ASN A 333 -21.81 0.51 -13.63
N SER A 334 -22.54 -0.41 -12.99
CA SER A 334 -23.35 -0.08 -11.82
C SER A 334 -22.56 -0.16 -10.53
N VAL A 335 -21.37 -0.76 -10.61
CA VAL A 335 -20.49 -0.97 -9.46
C VAL A 335 -19.65 0.27 -9.18
N ASP A 336 -19.58 0.65 -7.91
CA ASP A 336 -18.73 1.75 -7.45
C ASP A 336 -17.29 1.25 -7.28
N PRO A 337 -16.37 1.71 -8.14
CA PRO A 337 -14.99 1.26 -8.09
C PRO A 337 -14.12 2.03 -7.10
N ARG A 338 -14.72 3.00 -6.41
CA ARG A 338 -13.98 3.80 -5.42
C ARG A 338 -13.51 2.97 -4.24
N ILE A 339 -12.27 3.23 -3.83
CA ILE A 339 -11.73 2.67 -2.60
C ILE A 339 -12.46 3.32 -1.43
N SER A 340 -12.99 2.49 -0.54
CA SER A 340 -13.65 2.98 0.66
C SER A 340 -12.62 3.42 1.69
N ASN A 341 -13.06 4.30 2.59
CA ASN A 341 -12.21 4.75 3.68
C ASN A 341 -11.74 3.57 4.56
N VAL A 342 -12.66 2.68 4.90
CA VAL A 342 -12.33 1.52 5.77
C VAL A 342 -11.30 0.55 5.16
N PHE A 343 -11.32 0.39 3.84
CA PHE A 343 -10.36 -0.45 3.13
C PHE A 343 -8.92 -0.01 3.35
N THR A 344 -8.70 1.30 3.44
CA THR A 344 -7.36 1.84 3.64
C THR A 344 -6.80 1.45 5.01
N PHE A 345 -7.68 1.05 5.92
CA PHE A 345 -7.26 0.52 7.21
C PHE A 345 -7.26 -1.01 7.21
N ALA A 346 -8.23 -1.61 6.52
CA ALA A 346 -8.28 -3.07 6.35
C ALA A 346 -7.01 -3.61 5.71
N PHE A 347 -6.51 -2.91 4.69
CA PHE A 347 -5.33 -3.34 3.94
C PHE A 347 -4.06 -3.19 4.78
N ARG A 348 -4.17 -2.51 5.93
CA ARG A 348 -3.04 -2.38 6.85
C ARG A 348 -2.79 -3.64 7.67
N PHE A 349 -3.43 -4.74 7.29
CA PHE A 349 -3.10 -6.06 7.85
C PHE A 349 -1.64 -6.40 7.51
N GLY A 350 -1.15 -5.80 6.43
CA GLY A 350 0.22 -5.99 5.98
C GLY A 350 1.27 -5.62 7.01
N HIS A 351 0.93 -4.69 7.90
CA HIS A 351 1.86 -4.22 8.92
C HIS A 351 2.31 -5.34 9.88
N MET A 352 1.46 -6.35 10.05
CA MET A 352 1.79 -7.49 10.90
C MET A 352 2.52 -8.61 10.16
N GLU A 353 2.69 -8.43 8.86
CA GLU A 353 3.42 -9.39 8.00
C GLU A 353 4.88 -9.00 7.79
N VAL A 354 5.27 -7.84 8.33
CA VAL A 354 6.61 -7.31 8.09
C VAL A 354 7.59 -7.81 9.17
N PRO A 355 8.65 -8.51 8.73
CA PRO A 355 9.64 -9.05 9.65
C PRO A 355 10.66 -8.00 10.11
N SER A 356 11.47 -8.37 11.11
CA SER A 356 12.39 -7.43 11.76
C SER A 356 13.65 -7.11 10.97
N THR A 357 14.00 -7.97 10.01
CA THR A 357 15.24 -7.79 9.25
C THR A 357 15.06 -7.97 7.74
N VAL A 358 16.03 -7.44 6.98
CA VAL A 358 16.10 -7.64 5.54
C VAL A 358 17.50 -8.15 5.17
N SER A 359 17.56 -9.15 4.30
CA SER A 359 18.82 -9.77 3.92
C SER A 359 19.22 -9.49 2.47
N ARG A 360 20.52 -9.43 2.23
CA ARG A 360 21.06 -9.45 0.89
C ARG A 360 21.69 -10.82 0.66
N LEU A 361 21.35 -11.46 -0.45
CA LEU A 361 21.83 -12.81 -0.75
C LEU A 361 22.61 -12.85 -2.05
N ASP A 362 23.72 -13.60 -2.05
CA ASP A 362 24.55 -13.72 -3.25
C ASP A 362 23.99 -14.77 -4.22
N GLU A 363 24.77 -15.10 -5.25
CA GLU A 363 24.28 -15.94 -6.34
C GLU A 363 24.02 -17.40 -5.95
N ASN A 364 24.59 -17.83 -4.83
CA ASN A 364 24.27 -19.14 -4.24
C ASN A 364 23.19 -19.00 -3.18
N TYR A 365 22.48 -17.86 -3.19
CA TYR A 365 21.50 -17.54 -2.17
C TYR A 365 22.06 -17.76 -0.77
N GLN A 366 23.29 -17.27 -0.58
CA GLN A 366 23.92 -17.29 0.73
C GLN A 366 24.26 -15.84 1.08
N PRO A 367 24.48 -15.55 2.38
CA PRO A 367 24.76 -14.21 2.86
C PRO A 367 25.72 -13.41 1.96
N TRP A 368 25.24 -12.26 1.49
CA TRP A 368 26.02 -11.39 0.64
C TRP A 368 26.79 -10.38 1.50
N GLY A 369 28.08 -10.62 1.65
CA GLY A 369 28.93 -9.77 2.48
C GLY A 369 28.79 -10.05 3.97
N PRO A 370 29.55 -9.31 4.81
CA PRO A 370 29.64 -9.53 6.25
C PRO A 370 28.42 -9.03 7.03
N GLU A 371 27.73 -8.04 6.48
CA GLU A 371 26.52 -7.48 7.10
C GLU A 371 25.35 -7.68 6.14
N ALA A 372 25.11 -8.95 5.80
CA ALA A 372 24.11 -9.32 4.82
C ALA A 372 22.70 -9.06 5.34
N GLU A 373 22.50 -9.37 6.63
CA GLU A 373 21.22 -9.14 7.28
C GLU A 373 21.27 -7.82 8.04
N LEU A 374 20.22 -7.02 7.86
CA LEU A 374 20.15 -5.70 8.49
C LEU A 374 18.82 -5.52 9.20
N PRO A 375 18.79 -4.74 10.30
CA PRO A 375 17.53 -4.45 10.96
C PRO A 375 16.67 -3.60 10.03
N LEU A 376 15.38 -3.88 10.00
CA LEU A 376 14.47 -3.19 9.09
C LEU A 376 14.55 -1.67 9.25
N HIS A 377 14.72 -1.20 10.48
CA HIS A 377 14.66 0.24 10.74
C HIS A 377 15.78 1.06 10.07
N THR A 378 16.93 0.44 9.85
CA THR A 378 18.03 1.11 9.15
C THR A 378 17.76 1.18 7.64
N LEU A 379 16.61 0.69 7.21
CA LEU A 379 16.28 0.63 5.79
C LEU A 379 15.10 1.51 5.37
N PHE A 380 14.57 2.29 6.32
CA PHE A 380 13.54 3.27 6.00
C PHE A 380 14.17 4.44 5.23
N PHE A 381 13.64 4.73 4.06
CA PHE A 381 14.12 5.81 3.22
C PHE A 381 15.59 5.67 2.94
N ASN A 382 15.98 4.48 2.61
CA ASN A 382 17.37 4.14 2.40
C ASN A 382 17.57 3.71 0.95
N THR A 383 18.19 4.57 0.16
CA THR A 383 18.44 4.28 -1.24
C THR A 383 19.92 3.99 -1.48
N TRP A 384 20.77 4.51 -0.60
CA TRP A 384 22.21 4.32 -0.74
C TRP A 384 22.62 2.85 -0.60
N ARG A 385 21.92 2.11 0.25
CA ARG A 385 22.15 0.67 0.37
C ARG A 385 21.91 -0.07 -0.95
N ILE A 386 21.10 0.52 -1.81
CA ILE A 386 20.88 -0.04 -3.15
C ILE A 386 22.04 0.36 -4.08
N ILE A 387 22.29 1.65 -4.20
CA ILE A 387 23.23 2.16 -5.19
C ILE A 387 24.70 1.97 -4.77
N LYS A 388 24.97 2.10 -3.47
CA LYS A 388 26.33 1.97 -2.97
C LYS A 388 26.59 0.62 -2.30
N ASP A 389 25.72 -0.36 -2.52
CA ASP A 389 25.85 -1.64 -1.82
C ASP A 389 25.29 -2.87 -2.56
N GLY A 390 25.51 -2.91 -3.88
CA GLY A 390 25.24 -4.11 -4.65
C GLY A 390 23.99 -4.15 -5.54
N GLY A 391 23.31 -3.02 -5.66
CA GLY A 391 22.11 -2.95 -6.50
C GLY A 391 20.94 -3.69 -5.90
N ILE A 392 19.92 -3.94 -6.72
CA ILE A 392 18.69 -4.56 -6.21
C ILE A 392 18.68 -6.09 -6.25
N ASP A 393 19.63 -6.68 -6.97
CA ASP A 393 19.65 -8.15 -7.11
C ASP A 393 19.75 -8.93 -5.79
N PRO A 394 20.69 -8.57 -4.90
CA PRO A 394 20.77 -9.27 -3.62
C PRO A 394 19.50 -9.11 -2.79
N LEU A 395 18.78 -8.01 -2.98
CA LEU A 395 17.56 -7.74 -2.25
C LEU A 395 16.38 -8.56 -2.81
N VAL A 396 16.35 -8.70 -4.13
CA VAL A 396 15.33 -9.52 -4.78
C VAL A 396 15.46 -10.98 -4.35
N ARG A 397 16.69 -11.46 -4.25
CA ARG A 397 16.94 -12.83 -3.77
C ARG A 397 16.41 -13.02 -2.35
N GLY A 398 16.60 -12.01 -1.51
CA GLY A 398 16.05 -11.99 -0.16
C GLY A 398 14.53 -12.05 -0.20
N LEU A 399 13.93 -11.24 -1.06
CA LEU A 399 12.48 -11.26 -1.26
C LEU A 399 11.95 -12.65 -1.58
N LEU A 400 12.75 -13.44 -2.31
CA LEU A 400 12.36 -14.78 -2.72
C LEU A 400 12.62 -15.83 -1.65
N ALA A 401 13.80 -15.77 -1.04
CA ALA A 401 14.28 -16.85 -0.17
C ALA A 401 13.98 -16.66 1.30
N LYS A 402 13.56 -15.45 1.69
CA LYS A 402 13.22 -15.19 3.08
C LYS A 402 11.71 -15.12 3.27
N ASN A 403 11.28 -15.22 4.52
CA ASN A 403 9.88 -15.31 4.88
C ASN A 403 9.29 -13.98 5.30
N SER A 404 7.99 -13.82 5.04
CA SER A 404 7.22 -12.76 5.68
C SER A 404 7.08 -13.10 7.16
N LYS A 405 6.76 -12.10 7.97
CA LYS A 405 6.35 -12.35 9.35
C LYS A 405 4.93 -12.91 9.33
N LEU A 406 4.67 -13.86 10.20
CA LEU A 406 3.32 -14.38 10.37
C LEU A 406 2.60 -13.52 11.40
N MET A 407 1.37 -13.15 11.08
CA MET A 407 0.49 -12.48 12.03
C MET A 407 0.32 -13.41 13.22
N ASN A 408 0.31 -12.82 14.41
CA ASN A 408 0.34 -13.57 15.64
C ASN A 408 -0.39 -12.76 16.70
N GLN A 409 -1.44 -13.32 17.30
CA GLN A 409 -2.20 -12.60 18.32
C GLN A 409 -1.32 -12.11 19.47
N ASN A 410 -0.24 -12.84 19.72
CA ASN A 410 0.71 -12.51 20.77
C ASN A 410 1.85 -11.63 20.29
N LYS A 411 2.14 -11.69 18.99
CA LYS A 411 3.21 -10.89 18.37
C LYS A 411 2.76 -10.19 17.10
N MET A 412 2.10 -9.05 17.23
CA MET A 412 1.46 -8.41 16.08
C MET A 412 2.40 -7.64 15.17
N VAL A 413 3.00 -6.57 15.68
CA VAL A 413 3.85 -5.70 14.86
C VAL A 413 5.25 -5.61 15.45
N THR A 414 6.24 -5.95 14.62
CA THR A 414 7.65 -5.86 15.00
C THR A 414 8.00 -4.46 15.50
N SER A 415 8.87 -4.42 16.50
CA SER A 415 9.34 -3.17 17.08
C SER A 415 10.13 -2.32 16.09
N GLU A 416 10.61 -2.92 15.00
CA GLU A 416 11.24 -2.14 13.95
C GLU A 416 10.25 -1.11 13.40
N LEU A 417 8.96 -1.46 13.42
CA LEU A 417 7.89 -0.56 13.01
C LEU A 417 7.18 0.11 14.18
N ARG A 418 7.14 -0.58 15.32
CA ARG A 418 6.34 -0.14 16.45
C ARG A 418 7.08 0.84 17.37
N ASN A 419 8.40 0.88 17.27
CA ASN A 419 9.20 1.77 18.11
C ASN A 419 10.23 2.58 17.36
N LYS A 420 10.62 2.11 16.18
CA LYS A 420 11.74 2.69 15.45
C LYS A 420 11.40 3.24 14.07
N LEU A 421 10.11 3.42 13.79
CA LEU A 421 9.70 3.98 12.51
C LEU A 421 10.28 5.37 12.32
N PHE A 422 10.79 5.65 11.14
CA PHE A 422 11.27 6.96 10.80
C PHE A 422 10.28 7.63 9.86
N GLN A 423 9.94 8.86 10.15
CA GLN A 423 9.04 9.64 9.36
C GLN A 423 9.73 10.89 8.86
N PRO A 424 9.45 11.25 7.62
CA PRO A 424 10.07 12.41 6.99
C PRO A 424 9.74 13.73 7.63
N THR A 425 10.79 14.53 7.71
CA THR A 425 10.73 15.88 8.25
C THR A 425 10.86 15.73 9.73
N HIS A 426 10.70 14.50 10.18
CA HIS A 426 10.83 14.22 11.57
C HIS A 426 12.18 13.62 11.60
N LYS A 427 12.83 13.61 12.75
CA LYS A 427 14.27 13.36 12.72
C LYS A 427 14.73 12.01 13.27
N VAL A 428 13.91 11.40 14.13
CA VAL A 428 14.34 10.20 14.84
C VAL A 428 13.74 8.91 14.29
N HIS A 429 14.42 7.80 14.54
CA HIS A 429 13.85 6.46 14.35
C HIS A 429 13.14 6.08 15.64
N GLY A 430 12.02 6.73 15.91
CA GLY A 430 11.32 6.55 17.18
C GLY A 430 9.80 6.60 17.12
N PHE A 431 9.24 6.36 15.94
CA PHE A 431 7.79 6.39 15.76
C PHE A 431 7.17 5.00 15.83
N ASP A 432 5.83 4.99 15.94
CA ASP A 432 5.06 3.77 16.16
C ASP A 432 3.96 3.66 15.11
N LEU A 433 4.17 2.80 14.11
CA LEU A 433 3.18 2.63 13.04
C LEU A 433 1.82 2.16 13.54
N ALA A 434 1.83 1.28 14.54
CA ALA A 434 0.61 0.75 15.13
C ALA A 434 -0.21 1.85 15.78
N ALA A 435 0.44 2.69 16.58
CA ALA A 435 -0.21 3.85 17.21
C ALA A 435 -0.74 4.80 16.14
N ILE A 436 0.08 5.07 15.12
CA ILE A 436 -0.34 5.89 13.98
C ILE A 436 -1.62 5.34 13.36
N ASN A 437 -1.62 4.05 13.05
CA ASN A 437 -2.79 3.38 12.47
C ASN A 437 -4.06 3.65 13.26
N LEU A 438 -3.97 3.49 14.58
CA LEU A 438 -5.11 3.66 15.49
C LEU A 438 -5.55 5.12 15.55
N GLN A 439 -4.60 6.03 15.68
CA GLN A 439 -4.87 7.47 15.67
C GLN A 439 -5.51 7.88 14.34
N ARG A 440 -5.02 7.27 13.25
CA ARG A 440 -5.52 7.55 11.91
C ARG A 440 -6.95 7.04 11.73
N CYS A 441 -7.23 5.87 12.29
CA CYS A 441 -8.58 5.29 12.32
C CYS A 441 -9.57 6.32 12.84
N ARG A 442 -9.20 6.97 13.95
CA ARG A 442 -10.05 7.96 14.59
C ARG A 442 -10.09 9.27 13.79
N ASP A 443 -8.92 9.68 13.30
CA ASP A 443 -8.79 10.79 12.37
C ASP A 443 -9.83 10.66 11.24
N HIS A 444 -9.94 9.44 10.69
CA HIS A 444 -10.84 9.18 9.55
C HIS A 444 -12.30 8.90 9.92
N GLY A 445 -12.65 9.05 11.20
CA GLY A 445 -14.01 8.80 11.68
C GLY A 445 -14.53 7.40 11.42
N MET A 446 -13.70 6.40 11.67
CA MET A 446 -14.10 5.01 11.47
C MET A 446 -15.19 4.59 12.45
N PRO A 447 -16.25 3.93 11.94
CA PRO A 447 -17.13 3.20 12.83
C PRO A 447 -16.32 2.14 13.56
N GLY A 448 -16.83 1.65 14.68
CA GLY A 448 -16.11 0.68 15.48
C GLY A 448 -16.17 -0.74 14.94
N TYR A 449 -15.46 -1.62 15.65
CA TYR A 449 -15.35 -3.03 15.30
C TYR A 449 -16.70 -3.70 15.05
N ASN A 450 -17.66 -3.50 15.95
CA ASN A 450 -18.96 -4.16 15.84
C ASN A 450 -19.84 -3.64 14.70
N SER A 451 -19.74 -2.34 14.42
CA SER A 451 -20.40 -1.76 13.25
C SER A 451 -19.94 -2.47 11.97
N TRP A 452 -18.65 -2.75 11.87
CA TRP A 452 -18.12 -3.47 10.70
C TRP A 452 -18.46 -4.97 10.74
N ARG A 453 -18.48 -5.56 11.93
CA ARG A 453 -18.96 -6.94 12.10
C ARG A 453 -20.38 -7.07 11.54
N GLY A 454 -21.24 -6.14 11.93
CA GLY A 454 -22.61 -6.08 11.41
C GLY A 454 -22.67 -5.88 9.92
N PHE A 455 -21.84 -4.97 9.41
CA PHE A 455 -21.70 -4.72 7.98
C PHE A 455 -21.42 -6.01 7.19
N CYS A 456 -20.65 -6.91 7.80
CA CYS A 456 -20.22 -8.14 7.15
C CYS A 456 -21.07 -9.37 7.50
N GLY A 457 -22.20 -9.14 8.16
CA GLY A 457 -23.10 -10.23 8.55
C GLY A 457 -22.57 -11.10 9.68
N LEU A 458 -21.63 -10.56 10.45
CA LEU A 458 -20.99 -11.29 11.54
C LEU A 458 -21.54 -10.85 12.89
N SER A 459 -21.43 -11.74 13.88
CA SER A 459 -21.92 -11.48 15.22
C SER A 459 -21.19 -10.32 15.87
N GLN A 460 -21.86 -9.65 16.80
CA GLN A 460 -21.30 -8.49 17.48
C GLN A 460 -21.14 -8.74 18.98
N PRO A 461 -19.94 -9.20 19.39
CA PRO A 461 -19.63 -9.47 20.80
C PRO A 461 -19.90 -8.25 21.67
N LYS A 462 -20.61 -8.45 22.77
CA LYS A 462 -20.91 -7.36 23.69
C LYS A 462 -20.18 -7.53 25.02
N THR A 463 -19.86 -8.77 25.35
CA THR A 463 -19.21 -9.08 26.62
C THR A 463 -17.77 -9.53 26.42
N LEU A 464 -17.02 -9.61 27.51
CA LEU A 464 -15.68 -10.18 27.50
C LEU A 464 -15.71 -11.60 26.94
N LYS A 465 -16.76 -12.35 27.29
CA LYS A 465 -16.89 -13.76 26.94
C LYS A 465 -17.25 -13.97 25.48
N GLY A 466 -18.11 -13.11 24.94
CA GLY A 466 -18.42 -13.11 23.52
C GLY A 466 -17.19 -12.80 22.69
N LEU A 467 -16.40 -11.82 23.16
CA LEU A 467 -15.19 -11.41 22.47
C LEU A 467 -14.11 -12.50 22.52
N GLN A 468 -14.05 -13.20 23.65
CA GLN A 468 -13.14 -14.33 23.81
C GLN A 468 -13.45 -15.42 22.81
N ALA A 469 -14.73 -15.71 22.62
CA ALA A 469 -15.17 -16.71 21.66
C ALA A 469 -14.86 -16.28 20.23
N VAL A 470 -15.17 -15.03 19.91
CA VAL A 470 -14.92 -14.51 18.56
C VAL A 470 -13.42 -14.57 18.22
N LEU A 471 -12.59 -14.12 19.14
CA LEU A 471 -11.14 -14.07 18.91
C LEU A 471 -10.45 -15.39 19.20
N LYS A 472 -11.15 -16.31 19.88
CA LYS A 472 -10.57 -17.58 20.30
C LYS A 472 -9.31 -17.35 21.14
N ASN A 473 -9.35 -16.30 21.96
CA ASN A 473 -8.20 -15.91 22.77
C ASN A 473 -8.73 -15.21 24.02
N LYS A 474 -8.53 -15.85 25.17
CA LYS A 474 -8.96 -15.30 26.44
C LYS A 474 -8.12 -14.07 26.80
N VAL A 475 -6.79 -14.23 26.77
CA VAL A 475 -5.89 -13.16 27.18
C VAL A 475 -6.00 -11.90 26.33
N LEU A 476 -6.03 -12.07 25.00
CA LEU A 476 -6.17 -10.92 24.09
C LEU A 476 -7.49 -10.19 24.29
N ALA A 477 -8.59 -10.94 24.33
CA ALA A 477 -9.90 -10.35 24.59
C ALA A 477 -9.96 -9.57 25.91
N LYS A 478 -9.32 -10.11 26.96
CA LYS A 478 -9.24 -9.43 28.26
C LYS A 478 -8.55 -8.08 28.16
N LYS A 479 -7.40 -8.07 27.49
CA LYS A 479 -6.63 -6.86 27.28
C LYS A 479 -7.42 -5.82 26.49
N LEU A 480 -8.13 -6.29 25.46
CA LEU A 480 -8.95 -5.42 24.63
C LEU A 480 -10.09 -4.80 25.44
N LEU A 481 -10.86 -5.55 26.22
CA LEU A 481 -11.86 -4.90 27.07
C LEU A 481 -11.27 -4.14 28.26
N ASP A 482 -10.21 -4.53 28.67
CA ASP A 482 -9.59 -3.72 29.70
C ASP A 482 -9.31 -2.31 29.17
N LEU A 483 -8.94 -2.21 27.92
CA LEU A 483 -8.63 -0.90 27.32
C LEU A 483 -9.85 -0.22 26.72
N TYR A 484 -10.65 -0.99 26.02
CA TYR A 484 -11.85 -0.52 25.40
C TYR A 484 -12.86 -1.15 26.30
N LYS A 485 -13.74 -0.40 26.88
CA LYS A 485 -14.63 -1.06 27.83
C LYS A 485 -15.70 -1.89 27.14
N THR A 486 -15.86 -1.68 25.85
CA THR A 486 -16.80 -2.45 25.07
C THR A 486 -16.24 -2.71 23.71
N PRO A 487 -16.54 -3.86 23.14
CA PRO A 487 -16.09 -4.19 21.80
C PRO A 487 -16.64 -3.25 20.73
N ASP A 488 -17.66 -2.49 21.09
CA ASP A 488 -18.20 -1.45 20.22
C ASP A 488 -17.18 -0.34 19.98
N ASN A 489 -16.27 -0.14 20.94
CA ASN A 489 -15.29 0.95 20.87
C ASN A 489 -13.95 0.57 20.25
N ILE A 490 -13.78 -0.71 19.97
CA ILE A 490 -12.51 -1.23 19.44
C ILE A 490 -12.29 -0.70 18.03
N ASP A 491 -11.18 0.02 17.84
CA ASP A 491 -10.81 0.55 16.53
C ASP A 491 -10.68 -0.60 15.53
N ILE A 492 -11.22 -0.38 14.33
CA ILE A 492 -11.31 -1.41 13.30
C ILE A 492 -9.97 -2.07 12.95
N TRP A 493 -8.90 -1.27 12.90
CA TRP A 493 -7.59 -1.82 12.52
C TRP A 493 -7.16 -2.94 13.47
N ILE A 494 -7.22 -2.69 14.77
CA ILE A 494 -6.81 -3.70 15.75
C ILE A 494 -7.85 -4.81 15.87
N GLY A 495 -9.13 -4.44 15.91
CA GLY A 495 -10.23 -5.39 15.94
C GLY A 495 -10.15 -6.43 14.83
N GLY A 496 -10.10 -5.95 13.58
CA GLY A 496 -10.02 -6.82 12.42
C GLY A 496 -8.80 -7.72 12.44
N ASN A 497 -7.66 -7.15 12.80
CA ASN A 497 -6.41 -7.90 12.83
C ASN A 497 -6.30 -8.86 14.02
N ALA A 498 -7.11 -8.63 15.05
CA ALA A 498 -7.13 -9.49 16.23
C ALA A 498 -7.76 -10.87 15.95
N GLU A 499 -8.64 -10.92 14.96
CA GLU A 499 -9.33 -12.17 14.62
C GLU A 499 -8.40 -13.21 14.01
N PRO A 500 -8.55 -14.48 14.42
CA PRO A 500 -7.77 -15.57 13.86
C PRO A 500 -8.02 -15.73 12.36
N MET A 501 -7.00 -16.20 11.64
CA MET A 501 -7.03 -16.29 10.18
C MET A 501 -7.94 -17.40 9.66
N VAL A 502 -8.61 -17.12 8.55
CA VAL A 502 -9.45 -18.10 7.86
C VAL A 502 -8.60 -19.20 7.24
N GLU A 503 -9.22 -20.35 6.97
CA GLU A 503 -8.54 -21.47 6.30
C GLU A 503 -7.86 -21.02 5.02
N ARG A 504 -6.57 -21.37 4.89
CA ARG A 504 -5.78 -21.09 3.69
C ARG A 504 -5.52 -19.60 3.43
N GLY A 505 -5.84 -18.75 4.40
CA GLY A 505 -5.69 -17.30 4.25
C GLY A 505 -4.77 -16.69 5.28
N ARG A 506 -4.65 -15.35 5.24
CA ARG A 506 -3.79 -14.63 6.17
C ARG A 506 -4.50 -13.46 6.85
N VAL A 507 -5.83 -13.44 6.73
CA VAL A 507 -6.67 -12.49 7.47
C VAL A 507 -7.89 -13.20 8.06
N GLY A 508 -8.53 -12.54 9.03
CA GLY A 508 -9.74 -13.08 9.65
C GLY A 508 -10.99 -12.88 8.79
N PRO A 509 -12.14 -13.34 9.30
CA PRO A 509 -13.43 -13.18 8.62
C PRO A 509 -13.83 -11.73 8.37
N LEU A 510 -13.65 -10.85 9.36
CA LEU A 510 -14.02 -9.45 9.19
C LEU A 510 -13.22 -8.79 8.07
N LEU A 511 -11.91 -8.98 8.09
CA LEU A 511 -11.04 -8.39 7.07
C LEU A 511 -11.27 -8.98 5.69
N ALA A 512 -11.41 -10.31 5.61
CA ALA A 512 -11.65 -10.96 4.32
C ALA A 512 -12.91 -10.44 3.64
N CYS A 513 -13.88 -10.04 4.46
CA CYS A 513 -15.12 -9.44 3.98
C CYS A 513 -14.91 -8.02 3.47
N LEU A 514 -14.18 -7.20 4.23
CA LEU A 514 -13.90 -5.83 3.82
C LEU A 514 -12.97 -5.76 2.61
N LEU A 515 -11.89 -6.55 2.64
CA LEU A 515 -10.98 -6.65 1.50
C LEU A 515 -11.67 -7.26 0.29
N GLY A 516 -12.36 -8.37 0.51
CA GLY A 516 -13.05 -9.12 -0.55
C GLY A 516 -14.04 -8.28 -1.32
N ARG A 517 -14.89 -7.55 -0.60
CA ARG A 517 -15.86 -6.66 -1.23
C ARG A 517 -15.16 -5.58 -2.06
N GLN A 518 -14.11 -4.98 -1.50
CA GLN A 518 -13.39 -3.92 -2.19
C GLN A 518 -12.75 -4.39 -3.49
N PHE A 519 -11.98 -5.47 -3.42
CA PHE A 519 -11.32 -6.01 -4.60
C PHE A 519 -12.33 -6.49 -5.67
N GLN A 520 -13.45 -7.04 -5.23
CA GLN A 520 -14.54 -7.40 -6.13
C GLN A 520 -15.01 -6.16 -6.89
N GLN A 521 -15.14 -5.06 -6.17
CA GLN A 521 -15.57 -3.80 -6.76
C GLN A 521 -14.57 -3.18 -7.71
N ILE A 522 -13.29 -3.13 -7.33
CA ILE A 522 -12.28 -2.52 -8.21
C ILE A 522 -12.11 -3.30 -9.51
N ARG A 523 -12.44 -4.60 -9.48
CA ARG A 523 -12.41 -5.43 -10.68
C ARG A 523 -13.68 -5.23 -11.51
N ASP A 524 -14.83 -5.52 -10.90
CA ASP A 524 -16.12 -5.51 -11.59
C ASP A 524 -16.50 -4.17 -12.22
N GLY A 525 -16.05 -3.08 -11.58
CA GLY A 525 -16.42 -1.73 -12.01
C GLY A 525 -15.30 -0.97 -12.72
N ASP A 526 -14.32 -1.70 -13.23
CA ASP A 526 -13.21 -1.14 -13.99
C ASP A 526 -13.47 -1.42 -15.45
N ARG A 527 -13.72 -0.36 -16.23
CA ARG A 527 -14.02 -0.50 -17.65
C ARG A 527 -12.81 -1.00 -18.44
N PHE A 528 -11.63 -0.87 -17.86
CA PHE A 528 -10.41 -1.33 -18.51
C PHE A 528 -9.78 -2.53 -17.81
N TRP A 529 -10.60 -3.30 -17.10
CA TRP A 529 -10.14 -4.57 -16.55
C TRP A 529 -9.55 -5.38 -17.70
N TRP A 530 -8.39 -5.99 -17.47
CA TRP A 530 -7.64 -6.65 -18.53
C TRP A 530 -8.46 -7.73 -19.26
N GLU A 531 -9.42 -8.32 -18.55
CA GLU A 531 -10.18 -9.43 -19.10
C GLU A 531 -11.59 -9.03 -19.57
N ASN A 532 -11.90 -7.74 -19.46
CA ASN A 532 -13.13 -7.22 -20.04
C ASN A 532 -13.02 -7.32 -21.56
N PRO A 533 -13.95 -8.05 -22.20
CA PRO A 533 -13.92 -8.21 -23.65
C PRO A 533 -13.69 -6.90 -24.39
N GLY A 534 -12.68 -6.87 -25.25
CA GLY A 534 -12.38 -5.70 -26.05
C GLY A 534 -11.19 -4.89 -25.59
N VAL A 535 -10.83 -5.01 -24.31
CA VAL A 535 -9.66 -4.29 -23.79
C VAL A 535 -8.42 -4.81 -24.49
N PHE A 536 -8.21 -6.13 -24.43
CA PHE A 536 -7.19 -6.80 -25.21
C PHE A 536 -7.87 -7.71 -26.22
N THR A 537 -7.12 -8.13 -27.23
CA THR A 537 -7.56 -9.20 -28.13
C THR A 537 -7.48 -10.52 -27.37
N GLU A 538 -8.23 -11.51 -27.85
CA GLU A 538 -8.23 -12.83 -27.22
C GLU A 538 -6.84 -13.47 -27.22
N LYS A 539 -6.12 -13.30 -28.33
CA LYS A 539 -4.76 -13.82 -28.44
C LYS A 539 -3.82 -13.14 -27.45
N GLN A 540 -4.00 -11.83 -27.28
CA GLN A 540 -3.26 -11.07 -26.30
C GLN A 540 -3.51 -11.60 -24.90
N ARG A 541 -4.79 -11.86 -24.59
CA ARG A 541 -5.17 -12.39 -23.29
C ARG A 541 -4.52 -13.73 -22.99
N ASP A 542 -4.42 -14.59 -24.02
CA ASP A 542 -3.73 -15.88 -23.88
C ASP A 542 -2.27 -15.70 -23.50
N SER A 543 -1.64 -14.66 -24.05
CA SER A 543 -0.26 -14.31 -23.73
C SER A 543 -0.09 -13.80 -22.30
N LEU A 544 -1.03 -12.95 -21.88
CA LEU A 544 -1.01 -12.36 -20.55
C LEU A 544 -1.27 -13.41 -19.48
N GLN A 545 -1.95 -14.48 -19.89
CA GLN A 545 -2.32 -15.58 -19.00
C GLN A 545 -1.11 -16.23 -18.32
N LYS A 546 0.07 -16.08 -18.93
CA LYS A 546 1.25 -16.77 -18.45
C LYS A 546 2.28 -15.87 -17.77
N VAL A 547 1.93 -14.62 -17.52
CA VAL A 547 2.82 -13.74 -16.75
C VAL A 547 3.06 -14.34 -15.37
N SER A 548 4.26 -14.09 -14.84
CA SER A 548 4.60 -14.57 -13.52
C SER A 548 5.58 -13.59 -12.91
N PHE A 549 5.56 -13.48 -11.58
CA PHE A 549 6.54 -12.63 -10.91
C PHE A 549 7.93 -13.23 -11.12
N SER A 550 8.00 -14.55 -11.27
CA SER A 550 9.23 -15.25 -11.59
C SER A 550 9.83 -14.74 -12.91
N ARG A 551 8.97 -14.58 -13.91
CA ARG A 551 9.39 -14.08 -15.22
C ARG A 551 9.84 -12.63 -15.15
N LEU A 552 9.08 -11.84 -14.38
CA LEU A 552 9.40 -10.43 -14.19
C LEU A 552 10.82 -10.27 -13.66
N ILE A 553 11.19 -11.13 -12.71
CA ILE A 553 12.53 -11.11 -12.12
C ILE A 553 13.59 -11.46 -13.16
N CYS A 554 13.36 -12.58 -13.87
CA CYS A 554 14.29 -13.07 -14.90
C CYS A 554 14.57 -12.00 -15.95
N ASP A 555 13.49 -11.40 -16.46
CA ASP A 555 13.55 -10.41 -17.52
C ASP A 555 14.21 -9.10 -17.13
N ASN A 556 14.23 -8.80 -15.82
CA ASN A 556 14.59 -7.46 -15.37
C ASN A 556 15.70 -7.36 -14.33
N THR A 557 16.36 -8.49 -14.07
CA THR A 557 17.51 -8.52 -13.16
C THR A 557 18.56 -9.47 -13.76
N HIS A 558 19.66 -9.65 -13.06
CA HIS A 558 20.64 -10.67 -13.47
C HIS A 558 20.48 -11.95 -12.64
N ILE A 559 19.30 -12.13 -12.06
CA ILE A 559 18.94 -13.38 -11.40
C ILE A 559 18.57 -14.40 -12.47
N THR A 560 19.18 -15.58 -12.39
CA THR A 560 18.92 -16.65 -13.36
C THR A 560 18.20 -17.84 -12.74
N LYS A 561 18.02 -17.80 -11.42
CA LYS A 561 17.38 -18.91 -10.70
C LYS A 561 16.21 -18.43 -9.84
N VAL A 562 15.01 -18.93 -10.17
CA VAL A 562 13.77 -18.47 -9.54
C VAL A 562 12.81 -19.63 -9.20
N PRO A 563 11.93 -19.43 -8.20
CA PRO A 563 10.85 -20.37 -7.95
C PRO A 563 9.69 -20.14 -8.91
N LEU A 564 8.91 -21.19 -9.16
CA LEU A 564 7.72 -21.05 -10.00
C LEU A 564 6.63 -20.25 -9.29
N HIS A 565 6.52 -20.47 -7.97
CA HIS A 565 5.49 -19.83 -7.17
C HIS A 565 6.11 -18.87 -6.17
N ALA A 566 6.31 -17.63 -6.63
CA ALA A 566 7.10 -16.64 -5.91
C ALA A 566 6.55 -16.26 -4.53
N PHE A 567 5.24 -16.41 -4.33
CA PHE A 567 4.62 -16.00 -3.07
C PHE A 567 4.66 -17.00 -1.94
N GLN A 568 4.78 -18.29 -2.25
CA GLN A 568 4.92 -19.28 -1.19
C GLN A 568 6.36 -19.29 -0.67
N ALA A 569 6.59 -19.94 0.47
CA ALA A 569 7.94 -20.00 1.03
C ALA A 569 8.80 -20.94 0.18
N ASN A 570 9.87 -20.40 -0.40
CA ASN A 570 10.73 -21.17 -1.29
C ASN A 570 12.17 -21.20 -0.83
N ASN A 571 12.74 -22.40 -0.80
CA ASN A 571 14.12 -22.56 -0.36
C ASN A 571 15.07 -22.98 -1.48
N TYR A 572 16.27 -22.43 -1.43
CA TYR A 572 17.28 -22.67 -2.44
C TYR A 572 18.24 -23.76 -1.97
N PRO A 573 18.66 -24.66 -2.89
CA PRO A 573 18.39 -24.60 -4.32
C PRO A 573 17.16 -25.41 -4.77
N HIS A 574 16.50 -26.07 -3.83
CA HIS A 574 15.49 -27.06 -4.16
C HIS A 574 14.28 -26.51 -4.93
N ASP A 575 13.65 -25.48 -4.38
CA ASP A 575 12.42 -24.94 -4.94
C ASP A 575 12.68 -23.98 -6.11
N PHE A 576 13.94 -23.86 -6.51
CA PHE A 576 14.32 -22.92 -7.56
C PHE A 576 14.63 -23.64 -8.87
N VAL A 577 14.19 -23.03 -9.96
CA VAL A 577 14.50 -23.53 -11.31
C VAL A 577 15.33 -22.50 -12.07
N ASP A 578 15.82 -22.88 -13.24
CA ASP A 578 16.47 -21.92 -14.13
C ASP A 578 15.41 -21.07 -14.82
N CYS A 579 15.76 -19.83 -15.14
CA CYS A 579 14.84 -18.93 -15.83
C CYS A 579 14.39 -19.48 -17.19
N SER A 580 15.24 -20.31 -17.80
CA SER A 580 14.93 -20.96 -19.07
C SER A 580 13.69 -21.85 -19.03
N ALA A 581 13.37 -22.35 -17.83
CA ALA A 581 12.19 -23.19 -17.65
C ALA A 581 10.91 -22.36 -17.49
N VAL A 582 11.07 -21.04 -17.41
CA VAL A 582 9.95 -20.17 -17.04
C VAL A 582 9.28 -19.50 -18.25
N ASP A 583 7.96 -19.72 -18.37
CA ASP A 583 7.16 -19.12 -19.43
C ASP A 583 7.43 -17.64 -19.57
N LYS A 584 7.50 -17.19 -20.81
CA LYS A 584 7.79 -15.80 -21.11
C LYS A 584 6.55 -15.12 -21.66
N LEU A 585 6.51 -13.81 -21.59
CA LEU A 585 5.40 -13.06 -22.14
C LEU A 585 5.55 -12.95 -23.66
N ASP A 586 4.66 -13.64 -24.37
CA ASP A 586 4.71 -13.64 -25.83
C ASP A 586 4.05 -12.39 -26.40
N LEU A 587 4.87 -11.43 -26.78
CA LEU A 587 4.37 -10.15 -27.25
C LEU A 587 3.97 -10.16 -28.73
N SER A 588 4.17 -11.29 -29.40
CA SER A 588 3.88 -11.38 -30.84
C SER A 588 2.46 -10.96 -31.25
N PRO A 589 1.42 -11.33 -30.45
CA PRO A 589 0.06 -10.86 -30.74
C PRO A 589 -0.13 -9.34 -30.67
N TRP A 590 0.89 -8.60 -30.24
CA TRP A 590 0.84 -7.15 -30.25
C TRP A 590 1.38 -6.56 -31.56
N ALA A 591 1.89 -7.43 -32.44
CA ALA A 591 2.34 -7.00 -33.77
C ALA A 591 1.15 -6.45 -34.56
N SER A 592 1.27 -5.21 -35.01
CA SER A 592 0.16 -4.52 -35.66
C SER A 592 0.44 -4.27 -37.15
N ARG A 593 -0.15 -5.11 -37.99
CA ARG A 593 0.09 -5.07 -39.43
C ARG A 593 -0.57 -3.90 -40.14
N GLU A 594 0.23 -3.18 -40.93
CA GLU A 594 -0.23 -1.99 -41.63
C GLU A 594 -1.07 -2.33 -42.87
N ASN A 595 -0.40 -2.80 -43.93
CA ASN A 595 -1.07 -3.14 -45.19
C ASN A 595 -2.26 -4.08 -45.03
C1 NAG B . 15.98 9.18 -22.94
C2 NAG B . 17.11 9.08 -21.93
C3 NAG B . 18.49 9.23 -22.57
C4 NAG B . 18.64 8.36 -23.81
C5 NAG B . 17.43 8.56 -24.72
C6 NAG B . 17.46 7.67 -25.98
C7 NAG B . 16.52 9.75 -19.66
C8 NAG B . 16.44 10.87 -18.66
N2 NAG B . 16.97 10.07 -20.87
O3 NAG B . 19.47 8.87 -21.62
O4 NAG B . 19.89 8.62 -24.45
O5 NAG B . 16.23 8.28 -24.01
O6 NAG B . 17.35 6.31 -25.60
O7 NAG B . 16.17 8.62 -19.34
C1 NAG B . 20.80 7.55 -24.88
C2 NAG B . 21.79 7.55 -26.09
C3 NAG B . 23.24 7.09 -25.81
C4 NAG B . 23.50 6.45 -24.44
C5 NAG B . 22.17 6.03 -23.84
C6 NAG B . 22.24 5.25 -22.53
C7 NAG B . 20.67 7.03 -28.24
C8 NAG B . 20.24 5.87 -29.19
N2 NAG B . 21.30 6.66 -27.12
O3 NAG B . 24.16 8.17 -26.02
O4 NAG B . 24.38 5.35 -24.58
O5 NAG B . 21.43 7.22 -23.66
O6 NAG B . 21.20 4.27 -22.57
O7 NAG B . 20.41 8.22 -28.51
C1 NAG C . 26.22 5.85 4.88
C2 NAG C . 26.63 4.80 5.93
C3 NAG C . 28.11 4.40 5.83
C4 NAG C . 28.54 4.17 4.38
C5 NAG C . 28.08 5.37 3.53
C6 NAG C . 28.53 5.35 2.07
C7 NAG C . 25.11 5.06 7.82
C8 NAG C . 24.91 5.61 9.21
N2 NAG C . 26.31 5.28 7.27
O3 NAG C . 28.33 3.24 6.60
O4 NAG C . 29.94 4.05 4.36
O5 NAG C . 26.67 5.49 3.60
O6 NAG C . 28.33 4.05 1.51
O7 NAG C . 24.19 4.45 7.27
C1 NAG C . 30.39 2.75 3.94
C2 NAG C . 31.76 2.89 3.27
C3 NAG C . 32.11 1.51 2.74
C4 NAG C . 32.48 0.65 3.95
C5 NAG C . 31.63 0.98 5.21
C6 NAG C . 32.51 1.56 6.32
C7 NAG C . 32.24 5.19 2.63
C8 NAG C . 32.29 6.21 1.52
N2 NAG C . 31.84 3.95 2.28
O3 NAG C . 33.18 1.55 1.81
O4 NAG C . 32.32 -0.71 3.62
O5 NAG C . 30.47 1.81 5.01
O6 NAG C . 31.84 1.43 7.56
O7 NAG C . 32.54 5.51 3.78
C1 NAG D . 1.66 -23.47 0.86
C2 NAG D . 0.75 -24.66 1.16
C3 NAG D . 0.25 -25.28 -0.14
C4 NAG D . -0.58 -24.23 -0.88
C5 NAG D . 0.21 -22.91 -1.01
C6 NAG D . -0.72 -21.78 -1.42
C7 NAG D . 0.83 -26.01 3.21
C8 NAG D . 1.58 -27.15 3.93
N2 NAG D . 1.33 -25.71 1.99
O3 NAG D . -0.55 -26.41 0.12
O4 NAG D . -0.93 -24.70 -2.16
O5 NAG D . 0.85 -22.51 0.20
O6 NAG D . 0.04 -20.60 -1.54
O7 NAG D . -0.13 -25.43 3.72
C1 NAG E . -23.99 -5.09 -11.55
C2 NAG E . -24.53 -6.45 -11.15
C3 NAG E . -25.73 -6.30 -10.22
C4 NAG E . -25.40 -5.37 -9.06
C5 NAG E . -24.92 -4.03 -9.61
C6 NAG E . -24.59 -3.01 -8.51
C7 NAG E . -24.65 -8.45 -12.56
C8 NAG E . -25.12 -9.02 -13.87
N2 NAG E . -24.91 -7.17 -12.36
O3 NAG E . -26.11 -7.57 -9.72
O4 NAG E . -26.54 -5.20 -8.25
O5 NAG E . -23.77 -4.27 -10.40
O6 NAG E . -23.55 -3.51 -7.69
O7 NAG E . -24.07 -9.18 -11.74
CHA HEM F . 0.10 3.29 5.54
CHB HEM F . 4.69 2.15 6.61
CHC HEM F . 3.99 -2.25 4.70
CHD HEM F . -0.69 -1.22 3.84
C1A HEM F . 1.38 3.38 6.01
C2A HEM F . 1.97 4.53 6.65
C3A HEM F . 3.24 4.23 6.95
C4A HEM F . 3.51 2.87 6.51
CMA HEM F . 4.25 5.18 7.65
CAA HEM F . 1.24 5.87 6.94
CBA HEM F . 0.40 5.71 8.20
CGA HEM F . -0.39 6.98 8.46
O1A HEM F . 0.21 8.07 8.53
O2A HEM F . -1.64 6.88 8.62
C1B HEM F . 4.94 0.87 6.13
C2B HEM F . 6.21 0.16 6.06
C3B HEM F . 6.00 -1.05 5.54
C4B HEM F . 4.60 -1.16 5.24
CMB HEM F . 7.59 0.69 6.54
CAB HEM F . 7.05 -2.16 5.27
CBB HEM F . 8.24 -2.23 5.90
C1C HEM F . 2.67 -2.37 4.33
C2C HEM F . 2.06 -3.55 3.79
C3C HEM F . 0.77 -3.28 3.54
C4C HEM F . 0.52 -1.90 3.92
CMC HEM F . 2.82 -4.87 3.55
CAC HEM F . -0.32 -4.22 2.95
CBC HEM F . -0.08 -5.49 2.59
C1D HEM F . -0.91 0.12 4.12
C2D HEM F . -2.09 0.91 3.79
C3D HEM F . -1.82 2.30 4.33
C4D HEM F . -0.51 2.23 4.93
CMD HEM F . -3.40 0.51 3.08
CAD HEM F . -2.77 3.52 4.22
CBD HEM F . -2.50 4.09 2.82
CGD HEM F . -3.44 5.24 2.52
O1D HEM F . -4.52 4.98 1.94
O2D HEM F . -3.08 6.39 2.85
NA HEM F . 2.34 2.38 5.95
NB HEM F . 3.98 0.02 5.62
NC HEM F . 1.70 -1.38 4.41
ND HEM F . -0.01 0.94 4.79
FE HEM F . 2.01 0.49 5.19
CA CA G . -4.42 2.98 -9.01
ZN ZN H . 25.05 -7.73 -12.93
I IOD I . -16.06 3.59 5.10
I IOD J . 18.85 11.39 -11.91
I IOD K . 21.10 -16.08 -9.14
I IOD L . 1.66 1.44 28.66
I IOD M . -1.73 -21.80 3.38
I IOD N . -7.26 -12.60 -13.00
I IOD O . -22.05 -11.65 23.53
I IOD P . 2.68 -17.33 -6.50
I IOD Q . 16.96 -1.76 -17.58
I IOD R . 20.86 -7.76 11.85
I IOD S . 13.77 14.86 6.17
I IOD T . -19.95 1.25 -20.82
S SCN U . 11.96 13.36 -1.73
C SCN U . 10.89 12.23 -0.84
N SCN U . 10.20 11.19 -0.63
C PZA V . 2.37 1.85 2.91
N1 PZA V . 2.96 0.65 2.85
O PZA V . 1.17 1.98 2.79
C1 PZA V . 3.30 5.36 3.54
C2 PZA V . 4.68 5.28 3.48
N2 PZA V . 5.27 4.12 3.24
C3 PZA V . 4.59 3.00 3.07
C4 PZA V . 3.21 3.06 3.12
N3 PZA V . 2.59 4.25 3.35
C PZA W . 5.88 7.58 4.83
N1 PZA W . 4.75 7.90 5.46
O PZA W . 6.62 6.72 5.27
C1 PZA W . 5.75 9.98 1.98
C2 PZA W . 6.89 9.63 1.26
N2 PZA W . 7.68 8.63 1.70
C3 PZA W . 7.36 7.98 2.82
C4 PZA W . 6.23 8.31 3.56
N3 PZA W . 5.44 9.31 3.12
C1 EDO X . 18.97 3.85 12.75
O1 EDO X . 19.23 4.05 14.14
C2 EDO X . 19.59 5.00 11.96
O2 EDO X . 19.86 4.52 10.62
C1 EDO Y . -16.72 10.43 -6.74
O1 EDO Y . -15.33 10.50 -7.11
C2 EDO Y . -17.54 11.36 -7.61
O2 EDO Y . -18.47 10.56 -8.37
C1 EDO Z . 0.09 13.56 -18.56
O1 EDO Z . 1.29 13.03 -19.13
C2 EDO Z . -1.12 12.78 -19.03
O2 EDO Z . -2.32 13.45 -18.64
C1 EDO AA . 24.16 9.15 -5.53
O1 EDO AA . 24.05 10.33 -6.34
C2 EDO AA . 25.21 8.22 -6.12
O2 EDO AA . 24.86 7.90 -7.47
C1 EDO BA . 21.05 -15.46 5.42
O1 EDO BA . 20.71 -16.27 4.28
C2 EDO BA . 21.51 -14.09 4.94
O2 EDO BA . 21.37 -13.14 6.00
C1 GOL CA . 9.51 2.28 23.78
O1 GOL CA . 10.92 2.54 23.68
C2 GOL CA . 9.31 0.97 24.52
O2 GOL CA . 10.50 0.18 24.32
C3 GOL CA . 8.11 0.19 23.98
O3 GOL CA . 6.92 0.58 24.64
C1 GOL DA . 0.40 21.37 12.26
O1 GOL DA . 0.41 20.77 13.55
C2 GOL DA . -1.05 21.42 11.78
O2 GOL DA . -1.07 21.44 10.37
C3 GOL DA . -1.68 22.70 12.33
O3 GOL DA . -3.05 22.72 11.98
C1 MRD EA . 6.46 15.43 -11.32
C2 MRD EA . 6.60 16.35 -10.12
O2 MRD EA . 5.28 16.69 -9.68
CM MRD EA . 7.24 15.58 -8.97
C3 MRD EA . 7.37 17.65 -10.42
C4 MRD EA . 6.86 18.64 -11.48
O4 MRD EA . 6.86 19.93 -10.91
C5 MRD EA . 5.46 18.37 -12.06
C1 PEG FA . -0.22 -5.20 29.84
O1 PEG FA . 0.67 -4.30 30.51
C2 PEG FA . -1.51 -5.33 30.65
O2 PEG FA . -2.58 -5.69 29.78
C3 PEG FA . -3.73 -4.86 29.98
C4 PEG FA . -4.23 -4.37 28.63
O4 PEG FA . -5.55 -3.84 28.76
#